data_6DHS
#
_entry.id   6DHS
#
_cell.length_a   204.670
_cell.length_b   204.670
_cell.length_c   123.790
_cell.angle_alpha   90.000
_cell.angle_beta   90.000
_cell.angle_gamma   120.000
#
_symmetry.space_group_name_H-M   'P 64 2 2'
#
_entity_poly.entity_id   1
_entity_poly.type   'polypeptide(L)'
_entity_poly.pdbx_seq_one_letter_code
;SNAGFVVKVRGLPWSCSADEVQRFFSDCKIQNGAQGIRFIYTREGRPSGEAFVELESEDEVKLALKKDRET(MSE)GHRY
VEVFKSNNVE(MSE)DWVLKHTGPNSPDTANDGFVRLRGLPFGCSKEEIVQFFSGLEIVPNGITLPVDFQGRSTGEAFVQ
FASQEIAEKALKKHKERIGHRYIEIFKSSRAEVRTH
;
_entity_poly.pdbx_strand_id   A,B,C,D
#
# COMPACT_ATOMS: atom_id res chain seq x y z
N VAL A 6 9.47 13.78 -0.74
CA VAL A 6 8.36 14.27 0.07
C VAL A 6 7.94 15.66 -0.42
N VAL A 7 6.77 15.73 -1.08
CA VAL A 7 6.20 16.95 -1.65
C VAL A 7 4.73 17.02 -1.20
N LYS A 8 4.41 17.93 -0.24
CA LYS A 8 3.05 18.11 0.26
C LYS A 8 2.17 18.82 -0.79
N VAL A 9 0.94 18.31 -0.96
CA VAL A 9 -0.05 18.84 -1.90
C VAL A 9 -1.28 19.36 -1.13
N ARG A 10 -1.96 20.39 -1.67
CA ARG A 10 -3.17 20.99 -1.11
C ARG A 10 -4.15 21.38 -2.22
N GLY A 11 -5.43 21.47 -1.88
CA GLY A 11 -6.49 21.86 -2.81
C GLY A 11 -7.00 20.77 -3.74
N LEU A 12 -6.61 19.50 -3.49
CA LEU A 12 -7.03 18.34 -4.29
C LEU A 12 -8.50 17.99 -3.98
N PRO A 13 -9.27 17.36 -4.91
CA PRO A 13 -10.68 17.05 -4.60
C PRO A 13 -10.83 15.90 -3.61
N TRP A 14 -11.98 15.89 -2.92
CA TRP A 14 -12.35 14.88 -1.93
C TRP A 14 -12.88 13.63 -2.63
N SER A 15 -13.20 13.74 -3.92
CA SER A 15 -13.68 12.62 -4.73
C SER A 15 -12.67 12.28 -5.84
N CYS A 16 -11.35 12.38 -5.54
CA CYS A 16 -10.31 12.08 -6.53
C CYS A 16 -9.71 10.67 -6.28
N SER A 17 -9.07 10.09 -7.32
CA SER A 17 -8.41 8.78 -7.29
C SER A 17 -6.89 8.92 -7.17
N ALA A 18 -6.21 7.82 -6.76
CA ALA A 18 -4.76 7.80 -6.62
C ALA A 18 -4.07 7.93 -7.99
N ASP A 19 -4.73 7.45 -9.07
CA ASP A 19 -4.18 7.54 -10.43
C ASP A 19 -4.28 8.97 -10.98
N GLU A 20 -5.28 9.74 -10.51
CA GLU A 20 -5.53 11.12 -10.93
C GLU A 20 -4.36 12.04 -10.55
N VAL A 21 -3.74 11.82 -9.37
CA VAL A 21 -2.60 12.61 -8.91
C VAL A 21 -1.33 12.15 -9.69
N GLN A 22 -1.29 10.87 -10.09
CA GLN A 22 -0.19 10.34 -10.88
C GLN A 22 -0.25 10.94 -12.30
N ARG A 23 -1.48 11.03 -12.87
CA ARG A 23 -1.74 11.62 -14.20
C ARG A 23 -1.49 13.14 -14.16
N PHE A 24 -1.78 13.77 -13.00
CA PHE A 24 -1.55 15.19 -12.75
C PHE A 24 -0.04 15.45 -12.71
N PHE A 25 0.71 14.55 -12.03
CA PHE A 25 2.16 14.64 -11.89
C PHE A 25 2.85 13.60 -12.83
N SER A 26 2.51 13.65 -14.13
CA SER A 26 3.03 12.78 -15.20
C SER A 26 4.52 13.04 -15.47
N ASP A 27 4.94 14.33 -15.38
CA ASP A 27 6.32 14.78 -15.59
C ASP A 27 7.26 14.10 -14.59
N CYS A 28 6.79 13.90 -13.35
CA CYS A 28 7.54 13.26 -12.29
C CYS A 28 7.33 11.75 -12.29
N LYS A 29 8.34 11.03 -11.81
CA LYS A 29 8.31 9.58 -11.67
C LYS A 29 8.09 9.27 -10.19
N ILE A 30 6.80 9.07 -9.81
CA ILE A 30 6.36 8.81 -8.44
C ILE A 30 6.96 7.50 -7.91
N GLN A 31 7.70 7.59 -6.77
CA GLN A 31 8.32 6.47 -6.09
C GLN A 31 7.23 5.59 -5.48
N ASN A 32 7.46 4.25 -5.49
CA ASN A 32 6.56 3.21 -4.98
C ASN A 32 5.20 3.25 -5.70
N GLY A 33 5.25 3.50 -7.01
CA GLY A 33 4.09 3.59 -7.90
C GLY A 33 2.98 4.45 -7.34
N ALA A 34 1.76 3.89 -7.30
CA ALA A 34 0.57 4.55 -6.77
C ALA A 34 0.55 4.55 -5.23
N GLN A 35 1.28 3.62 -4.59
CA GLN A 35 1.39 3.52 -3.12
C GLN A 35 2.06 4.78 -2.52
N GLY A 36 3.02 5.34 -3.26
CA GLY A 36 3.78 6.53 -2.91
C GLY A 36 2.94 7.79 -2.73
N ILE A 37 1.89 7.95 -3.56
CA ILE A 37 0.94 9.06 -3.50
C ILE A 37 -0.06 8.81 -2.36
N ARG A 38 0.44 9.00 -1.12
CA ARG A 38 -0.29 8.77 0.13
C ARG A 38 -1.17 9.96 0.50
N PHE A 39 -2.49 9.72 0.57
CA PHE A 39 -3.50 10.71 0.95
C PHE A 39 -3.52 10.90 2.45
N ILE A 40 -3.86 12.13 2.89
CA ILE A 40 -4.03 12.48 4.30
C ILE A 40 -5.52 12.42 4.61
N TYR A 41 -5.96 11.48 5.46
CA TYR A 41 -7.37 11.31 5.78
C TYR A 41 -7.75 11.98 7.12
N THR A 42 -9.07 12.15 7.34
CA THR A 42 -9.67 12.74 8.54
C THR A 42 -9.92 11.62 9.57
N ARG A 43 -10.47 11.99 10.76
CA ARG A 43 -10.83 11.03 11.81
C ARG A 43 -12.08 10.24 11.36
N GLU A 44 -12.93 10.86 10.50
CA GLU A 44 -14.14 10.25 9.95
C GLU A 44 -13.79 9.17 8.89
N GLY A 45 -12.60 9.26 8.29
CA GLY A 45 -12.12 8.30 7.31
C GLY A 45 -12.02 8.82 5.89
N ARG A 46 -12.82 9.84 5.53
CA ARG A 46 -12.87 10.48 4.20
C ARG A 46 -11.53 11.19 3.88
N PRO A 47 -11.13 11.36 2.59
CA PRO A 47 -9.87 12.07 2.33
C PRO A 47 -10.05 13.57 2.57
N SER A 48 -9.02 14.22 3.16
CA SER A 48 -8.99 15.63 3.55
C SER A 48 -9.03 16.62 2.38
N GLY A 49 -8.27 16.33 1.33
CA GLY A 49 -8.11 17.20 0.17
C GLY A 49 -6.66 17.54 -0.05
N GLU A 50 -5.82 17.22 0.93
CA GLU A 50 -4.39 17.43 0.91
C GLU A 50 -3.70 16.08 0.88
N ALA A 51 -2.67 15.93 0.03
CA ALA A 51 -1.94 14.66 -0.08
C ALA A 51 -0.44 14.81 0.15
N PHE A 52 0.23 13.66 0.29
CA PHE A 52 1.68 13.53 0.50
C PHE A 52 2.29 12.71 -0.61
N VAL A 53 2.85 13.42 -1.62
CA VAL A 53 3.48 12.82 -2.79
C VAL A 53 4.91 12.38 -2.47
N GLU A 54 5.27 11.18 -2.93
CA GLU A 54 6.60 10.63 -2.72
C GLU A 54 7.39 10.63 -4.03
N LEU A 55 8.12 11.73 -4.27
CA LEU A 55 8.98 11.91 -5.45
C LEU A 55 10.23 11.04 -5.29
N GLU A 56 10.62 10.32 -6.36
CA GLU A 56 11.77 9.40 -6.35
C GLU A 56 13.11 10.11 -6.26
N SER A 57 13.42 10.98 -7.25
CA SER A 57 14.69 11.70 -7.32
C SER A 57 14.60 13.12 -6.75
N GLU A 58 15.75 13.66 -6.28
CA GLU A 58 15.88 15.01 -5.73
C GLU A 58 15.68 16.07 -6.83
N ASP A 59 16.02 15.72 -8.08
CA ASP A 59 15.85 16.60 -9.24
C ASP A 59 14.37 16.69 -9.63
N GLU A 60 13.60 15.60 -9.40
CA GLU A 60 12.17 15.53 -9.71
C GLU A 60 11.35 16.42 -8.75
N VAL A 61 11.93 16.80 -7.59
CA VAL A 61 11.30 17.68 -6.60
C VAL A 61 11.03 19.06 -7.21
N LYS A 62 11.99 19.55 -8.03
CA LYS A 62 11.88 20.83 -8.75
C LYS A 62 10.79 20.73 -9.82
N LEU A 63 10.70 19.56 -10.50
CA LEU A 63 9.70 19.24 -11.52
C LEU A 63 8.30 19.14 -10.90
N ALA A 64 8.23 18.66 -9.63
CA ALA A 64 7.00 18.52 -8.85
C ALA A 64 6.51 19.88 -8.40
N LEU A 65 7.41 20.69 -7.80
CA LEU A 65 7.15 22.04 -7.32
C LEU A 65 6.82 23.01 -8.47
N LYS A 66 7.23 22.67 -9.71
CA LYS A 66 7.01 23.45 -10.94
C LYS A 66 5.51 23.69 -11.21
N LYS A 67 4.65 22.69 -10.93
CA LYS A 67 3.20 22.79 -11.09
C LYS A 67 2.56 23.26 -9.76
N ASP A 68 2.98 24.45 -9.27
CA ASP A 68 2.56 25.06 -8.01
C ASP A 68 1.12 25.54 -8.04
N ARG A 69 0.60 25.94 -9.23
CA ARG A 69 -0.78 26.41 -9.38
C ARG A 69 -1.41 25.91 -10.68
N GLU A 70 -1.27 24.60 -10.94
CA GLU A 70 -1.82 23.94 -12.11
C GLU A 70 -3.28 23.58 -11.85
N THR A 71 -4.15 23.81 -12.85
CA THR A 71 -5.59 23.56 -12.73
C THR A 71 -5.93 22.08 -12.95
N GLY A 73 -8.73 20.17 -13.31
CA GLY A 73 -10.13 20.25 -13.69
C GLY A 73 -10.74 21.63 -13.56
N HIS A 74 -11.31 21.94 -12.38
CA HIS A 74 -11.96 23.22 -12.14
C HIS A 74 -11.54 23.82 -10.79
N ARG A 75 -10.24 23.70 -10.43
CA ARG A 75 -9.66 24.19 -9.18
C ARG A 75 -8.14 24.26 -9.21
N TYR A 76 -7.55 25.14 -8.38
CA TYR A 76 -6.10 25.27 -8.27
C TYR A 76 -5.57 24.29 -7.26
N VAL A 77 -4.40 23.73 -7.56
CA VAL A 77 -3.73 22.76 -6.70
C VAL A 77 -2.45 23.38 -6.21
N GLU A 78 -2.30 23.48 -4.87
CA GLU A 78 -1.09 23.99 -4.24
C GLU A 78 -0.07 22.87 -4.12
N VAL A 79 1.17 23.14 -4.55
CA VAL A 79 2.31 22.22 -4.49
C VAL A 79 3.42 22.86 -3.65
N PHE A 80 3.95 22.11 -2.66
CA PHE A 80 4.99 22.58 -1.75
C PHE A 80 5.95 21.48 -1.34
N LYS A 81 7.25 21.83 -1.21
CA LYS A 81 8.33 20.92 -0.79
C LYS A 81 8.10 20.48 0.66
N SER A 82 8.55 19.26 1.00
CA SER A 82 8.37 18.69 2.34
C SER A 82 9.51 17.76 2.74
N ASN A 83 9.59 17.48 4.04
CA ASN A 83 10.56 16.57 4.65
C ASN A 83 9.87 15.23 4.90
N ASN A 84 10.65 14.15 4.95
CA ASN A 84 10.15 12.79 5.21
C ASN A 84 9.55 12.69 6.63
N VAL A 85 10.09 13.51 7.57
CA VAL A 85 9.65 13.58 8.97
C VAL A 85 8.24 14.16 9.07
N GLU A 86 7.90 15.14 8.20
CA GLU A 86 6.59 15.79 8.15
C GLU A 86 5.51 14.76 7.76
N ASP A 88 5.78 11.48 8.19
CA ASP A 88 5.70 10.52 9.30
C ASP A 88 4.71 11.00 10.36
N TRP A 89 4.76 12.30 10.72
CA TRP A 89 3.85 12.88 11.71
C TRP A 89 2.56 13.32 11.03
N VAL A 90 1.62 12.36 10.90
CA VAL A 90 0.29 12.55 10.31
C VAL A 90 -0.73 11.69 11.08
N LEU A 91 -1.88 12.30 11.44
CA LEU A 91 -2.92 11.58 12.17
C LEU A 91 -4.20 11.48 11.34
N LYS A 92 -4.54 10.24 10.94
CA LYS A 92 -5.72 9.92 10.15
C LYS A 92 -6.54 8.81 10.82
N HIS A 93 -5.87 7.72 11.23
CA HIS A 93 -6.50 6.58 11.89
C HIS A 93 -5.61 6.05 13.02
N ASN A 103 -12.24 12.81 22.62
CA ASN A 103 -11.33 13.74 23.31
C ASN A 103 -11.26 15.09 22.60
N ASP A 104 -11.13 15.08 21.25
CA ASP A 104 -11.04 16.27 20.39
C ASP A 104 -12.43 16.79 20.02
N GLY A 105 -12.65 18.09 20.20
CA GLY A 105 -13.92 18.73 19.92
C GLY A 105 -14.02 19.47 18.60
N PHE A 106 -13.16 19.11 17.63
CA PHE A 106 -13.09 19.74 16.31
C PHE A 106 -14.11 19.18 15.36
N VAL A 107 -14.52 20.02 14.38
CA VAL A 107 -15.52 19.72 13.35
C VAL A 107 -15.08 20.30 11.99
N ARG A 108 -14.90 19.42 10.99
CA ARG A 108 -14.55 19.84 9.65
C ARG A 108 -15.81 20.30 8.92
N LEU A 109 -15.89 21.60 8.63
CA LEU A 109 -16.99 22.17 7.88
C LEU A 109 -16.56 22.20 6.43
N ARG A 110 -17.46 21.84 5.51
CA ARG A 110 -17.14 21.79 4.09
C ARG A 110 -18.25 22.39 3.24
N GLY A 111 -17.85 22.99 2.11
CA GLY A 111 -18.74 23.60 1.11
C GLY A 111 -19.64 24.68 1.70
N LEU A 112 -19.06 25.85 1.95
CA LEU A 112 -19.72 27.01 2.55
C LEU A 112 -19.96 28.12 1.52
N PRO A 113 -21.01 28.95 1.73
CA PRO A 113 -21.26 30.06 0.81
C PRO A 113 -20.03 30.93 0.61
N PHE A 114 -19.87 31.58 -0.56
CA PHE A 114 -18.70 32.41 -0.89
C PHE A 114 -18.29 33.37 0.27
N GLY A 115 -19.09 34.42 0.49
CA GLY A 115 -18.80 35.42 1.51
C GLY A 115 -19.35 35.07 2.88
N CYS A 116 -19.17 33.79 3.28
CA CYS A 116 -19.66 33.33 4.58
C CYS A 116 -18.79 33.86 5.69
N SER A 117 -19.44 34.51 6.66
CA SER A 117 -18.83 35.14 7.83
C SER A 117 -18.82 34.22 9.04
N LYS A 118 -17.92 34.52 9.99
CA LYS A 118 -17.82 33.79 11.27
C LYS A 118 -19.12 34.00 12.05
N GLU A 119 -19.71 35.21 11.90
CA GLU A 119 -20.97 35.61 12.51
C GLU A 119 -22.14 34.73 12.00
N GLU A 120 -22.09 34.34 10.70
CA GLU A 120 -23.10 33.48 10.06
C GLU A 120 -23.03 32.04 10.61
N ILE A 121 -21.80 31.50 10.75
CA ILE A 121 -21.49 30.16 11.26
C ILE A 121 -21.88 30.04 12.77
N VAL A 122 -21.64 31.11 13.57
CA VAL A 122 -21.97 31.03 15.00
C VAL A 122 -23.49 31.03 15.18
N GLN A 123 -24.19 31.87 14.38
CA GLN A 123 -25.64 31.98 14.37
C GLN A 123 -26.28 30.66 13.92
N PHE A 124 -25.55 29.89 13.07
CA PHE A 124 -25.99 28.59 12.58
C PHE A 124 -26.05 27.57 13.73
N PHE A 125 -24.95 27.41 14.48
CA PHE A 125 -24.90 26.51 15.62
C PHE A 125 -25.33 27.24 16.91
N SER A 126 -26.51 27.89 16.87
CA SER A 126 -27.08 28.64 17.99
C SER A 126 -27.63 27.66 19.03
N GLY A 127 -26.73 27.13 19.84
CA GLY A 127 -27.02 26.16 20.90
C GLY A 127 -25.75 25.50 21.38
N LEU A 128 -24.99 24.91 20.45
CA LEU A 128 -23.72 24.27 20.74
C LEU A 128 -22.67 25.37 20.90
N GLU A 129 -21.94 25.35 22.03
CA GLU A 129 -20.95 26.37 22.34
C GLU A 129 -19.65 26.16 21.60
N ILE A 130 -19.09 27.26 21.10
CA ILE A 130 -17.80 27.27 20.41
C ILE A 130 -16.75 27.83 21.38
N VAL A 131 -15.52 27.33 21.28
CA VAL A 131 -14.39 27.80 22.09
C VAL A 131 -13.98 29.19 21.60
N PRO A 132 -13.34 30.07 22.43
CA PRO A 132 -12.99 31.41 21.94
C PRO A 132 -12.16 31.32 20.67
N ASN A 133 -12.65 31.96 19.57
CA ASN A 133 -12.06 32.00 18.23
C ASN A 133 -11.98 30.57 17.64
N GLY A 134 -13.05 29.80 17.87
CA GLY A 134 -13.21 28.41 17.44
C GLY A 134 -13.18 28.25 15.93
N ILE A 135 -13.93 29.13 15.21
CA ILE A 135 -13.99 29.16 13.75
C ILE A 135 -12.64 29.62 13.20
N THR A 136 -11.91 28.67 12.58
CA THR A 136 -10.57 28.92 12.02
C THR A 136 -10.63 28.79 10.50
N LEU A 137 -11.56 29.55 9.85
CA LEU A 137 -11.82 29.60 8.41
C LEU A 137 -10.53 29.92 7.58
N PRO A 138 -9.94 28.92 6.86
CA PRO A 138 -8.71 29.18 6.11
C PRO A 138 -8.95 29.71 4.67
N VAL A 139 -7.90 30.34 4.12
CA VAL A 139 -7.89 30.93 2.78
C VAL A 139 -6.97 30.15 1.85
N ASP A 140 -7.21 30.28 0.53
CA ASP A 140 -6.42 29.74 -0.57
C ASP A 140 -5.19 30.61 -0.73
N PHE A 141 -4.16 30.12 -1.45
CA PHE A 141 -2.91 30.85 -1.69
C PHE A 141 -3.15 32.28 -2.23
N GLN A 142 -4.21 32.45 -3.06
CA GLN A 142 -4.61 33.72 -3.69
C GLN A 142 -5.14 34.71 -2.64
N GLY A 143 -5.84 34.22 -1.62
CA GLY A 143 -6.39 35.02 -0.55
C GLY A 143 -7.84 34.76 -0.20
N ARG A 144 -8.62 34.21 -1.16
CA ARG A 144 -10.04 33.88 -1.03
C ARG A 144 -10.24 32.70 -0.07
N SER A 145 -11.45 32.59 0.56
CA SER A 145 -11.82 31.49 1.46
C SER A 145 -11.86 30.17 0.70
N THR A 146 -11.36 29.09 1.34
CA THR A 146 -11.27 27.76 0.73
C THR A 146 -12.66 27.10 0.53
N GLY A 147 -13.68 27.65 1.18
CA GLY A 147 -15.04 27.12 1.13
C GLY A 147 -15.26 26.13 2.25
N GLU A 148 -14.17 25.72 2.92
CA GLU A 148 -14.19 24.84 4.07
C GLU A 148 -13.90 25.69 5.30
N ALA A 149 -14.08 25.13 6.50
CA ALA A 149 -13.81 25.79 7.78
C ALA A 149 -13.54 24.79 8.89
N PHE A 150 -13.19 25.30 10.08
CA PHE A 150 -12.98 24.50 11.27
C PHE A 150 -13.92 25.03 12.34
N VAL A 151 -14.03 24.34 13.50
CA VAL A 151 -14.89 24.73 14.64
C VAL A 151 -14.55 23.88 15.85
N GLN A 152 -13.81 24.47 16.81
CA GLN A 152 -13.43 23.85 18.07
C GLN A 152 -14.53 24.16 19.06
N PHE A 153 -15.33 23.15 19.40
CA PHE A 153 -16.44 23.31 20.35
C PHE A 153 -15.90 23.19 21.79
N ALA A 154 -16.74 23.54 22.79
CA ALA A 154 -16.38 23.51 24.21
C ALA A 154 -16.08 22.09 24.72
N SER A 155 -16.81 21.08 24.21
CA SER A 155 -16.67 19.67 24.57
C SER A 155 -16.87 18.77 23.37
N GLN A 156 -16.41 17.51 23.46
CA GLN A 156 -16.54 16.51 22.40
C GLN A 156 -18.01 16.10 22.27
N GLU A 157 -18.72 15.99 23.42
CA GLU A 157 -20.15 15.66 23.48
C GLU A 157 -20.96 16.75 22.77
N ILE A 158 -20.54 18.03 22.95
CA ILE A 158 -21.13 19.21 22.32
C ILE A 158 -20.94 19.10 20.80
N ALA A 159 -19.72 18.74 20.36
CA ALA A 159 -19.35 18.56 18.96
C ALA A 159 -20.16 17.43 18.32
N GLU A 160 -20.38 16.31 19.07
CA GLU A 160 -21.14 15.15 18.61
C GLU A 160 -22.56 15.58 18.21
N LYS A 161 -23.18 16.42 19.07
CA LYS A 161 -24.51 16.99 18.85
C LYS A 161 -24.52 17.87 17.59
N ALA A 162 -23.43 18.65 17.36
CA ALA A 162 -23.29 19.52 16.20
C ALA A 162 -23.37 18.71 14.91
N LEU A 163 -22.71 17.53 14.90
CA LEU A 163 -22.66 16.60 13.78
C LEU A 163 -24.07 16.13 13.34
N LYS A 164 -25.09 16.17 14.25
CA LYS A 164 -26.46 15.76 13.97
C LYS A 164 -27.13 16.63 12.87
N LYS A 165 -26.64 17.86 12.69
CA LYS A 165 -27.10 18.78 11.64
C LYS A 165 -26.09 18.71 10.48
N HIS A 166 -25.88 17.49 9.94
CA HIS A 166 -24.87 17.15 8.93
C HIS A 166 -25.08 17.75 7.52
N LYS A 167 -26.18 18.52 7.27
CA LYS A 167 -26.43 19.14 5.96
C LYS A 167 -27.57 20.17 5.95
N GLU A 168 -27.62 21.03 6.98
CA GLU A 168 -28.65 22.09 7.08
C GLU A 168 -28.30 23.25 6.13
N ARG A 169 -29.33 23.92 5.58
CA ARG A 169 -29.19 25.01 4.61
C ARG A 169 -28.74 26.35 5.23
N ILE A 170 -27.62 26.88 4.71
CA ILE A 170 -27.05 28.18 5.04
C ILE A 170 -27.05 28.91 3.71
N GLY A 171 -28.03 29.80 3.53
CA GLY A 171 -28.25 30.52 2.29
C GLY A 171 -28.93 29.57 1.34
N HIS A 172 -28.13 28.73 0.69
CA HIS A 172 -28.57 27.67 -0.25
C HIS A 172 -27.50 26.57 -0.28
N ARG A 173 -26.84 26.33 0.87
CA ARG A 173 -25.75 25.35 0.98
C ARG A 173 -25.92 24.37 2.14
N TYR A 174 -25.87 23.06 1.84
CA TYR A 174 -25.93 21.99 2.84
C TYR A 174 -24.52 21.91 3.45
N ILE A 175 -24.33 22.60 4.58
CA ILE A 175 -23.04 22.66 5.27
C ILE A 175 -22.67 21.27 5.84
N GLU A 176 -21.86 20.52 5.05
CA GLU A 176 -21.37 19.20 5.39
C GLU A 176 -20.40 19.30 6.58
N ILE A 177 -20.77 18.64 7.69
CA ILE A 177 -20.02 18.61 8.93
C ILE A 177 -19.43 17.24 9.16
N PHE A 178 -18.13 17.17 9.45
CA PHE A 178 -17.44 15.90 9.71
C PHE A 178 -16.64 16.00 11.01
N LYS A 179 -16.52 14.90 11.78
CA LYS A 179 -15.77 14.93 13.05
C LYS A 179 -14.26 14.90 12.78
N SER A 180 -13.60 16.06 12.96
CA SER A 180 -12.16 16.28 12.73
C SER A 180 -11.34 16.27 14.07
N SER A 181 -10.05 16.66 14.00
CA SER A 181 -9.10 16.71 15.12
C SER A 181 -8.17 17.92 15.01
N ARG A 182 -7.37 18.18 16.07
CA ARG A 182 -6.42 19.29 16.16
C ARG A 182 -5.30 19.16 15.14
N ALA A 183 -4.95 17.90 14.79
CA ALA A 183 -3.91 17.57 13.82
C ALA A 183 -4.28 18.11 12.44
N GLU A 184 -5.55 17.89 12.03
CA GLU A 184 -6.09 18.37 10.75
C GLU A 184 -6.14 19.89 10.73
N VAL A 185 -6.47 20.52 11.89
CA VAL A 185 -6.52 21.96 12.06
C VAL A 185 -5.12 22.56 11.90
N ARG A 186 -4.08 21.90 12.46
CA ARG A 186 -2.68 22.33 12.38
C ARG A 186 -2.14 22.23 10.94
N THR A 187 -2.69 21.31 10.12
CA THR A 187 -2.28 21.09 8.73
C THR A 187 -3.07 22.02 7.77
N HIS A 188 -4.40 22.12 7.96
CA HIS A 188 -5.37 22.96 7.23
C HIS A 188 -5.21 22.85 5.70
N VAL B 6 -23.24 44.78 -19.08
CA VAL B 6 -23.34 43.41 -18.56
C VAL B 6 -22.02 42.65 -18.74
N VAL B 7 -21.67 41.85 -17.72
CA VAL B 7 -20.47 41.00 -17.73
C VAL B 7 -20.89 39.52 -17.59
N LYS B 8 -20.40 38.64 -18.52
CA LYS B 8 -20.69 37.21 -18.55
C LYS B 8 -19.73 36.40 -17.67
N VAL B 9 -20.25 35.78 -16.61
CA VAL B 9 -19.44 34.96 -15.70
C VAL B 9 -19.67 33.48 -15.99
N ARG B 10 -18.64 32.63 -15.76
CA ARG B 10 -18.69 31.18 -15.97
C ARG B 10 -17.84 30.44 -14.93
N GLY B 11 -18.29 29.25 -14.55
CA GLY B 11 -17.58 28.40 -13.60
C GLY B 11 -17.94 28.58 -12.14
N LEU B 12 -19.17 29.08 -11.89
CA LEU B 12 -19.76 29.33 -10.57
C LEU B 12 -20.04 28.01 -9.82
N PRO B 13 -20.20 28.01 -8.46
CA PRO B 13 -20.58 26.77 -7.80
C PRO B 13 -22.05 26.49 -8.14
N TRP B 14 -22.34 25.33 -8.72
CA TRP B 14 -23.68 24.98 -9.18
C TRP B 14 -24.74 25.13 -8.09
N SER B 15 -24.47 24.60 -6.88
CA SER B 15 -25.39 24.64 -5.75
C SER B 15 -25.36 25.97 -4.96
N CYS B 16 -25.19 27.14 -5.64
CA CYS B 16 -25.12 28.45 -4.97
C CYS B 16 -26.28 29.37 -5.40
N SER B 17 -26.47 30.48 -4.64
CA SER B 17 -27.50 31.51 -4.86
C SER B 17 -26.91 32.93 -4.83
N ALA B 18 -27.57 33.83 -5.59
CA ALA B 18 -27.29 35.24 -5.87
C ALA B 18 -26.56 36.04 -4.78
N ASP B 19 -26.85 35.80 -3.46
CA ASP B 19 -26.18 36.54 -2.37
C ASP B 19 -24.67 36.28 -2.38
N GLU B 20 -24.25 35.05 -2.75
CA GLU B 20 -22.85 34.65 -2.88
C GLU B 20 -22.25 35.27 -4.13
N VAL B 21 -23.08 35.42 -5.19
CA VAL B 21 -22.69 36.00 -6.47
C VAL B 21 -22.44 37.51 -6.29
N GLN B 22 -23.29 38.19 -5.49
CA GLN B 22 -23.18 39.62 -5.19
C GLN B 22 -21.90 39.94 -4.39
N ARG B 23 -21.65 39.17 -3.30
CA ARG B 23 -20.48 39.30 -2.42
C ARG B 23 -19.16 39.12 -3.19
N PHE B 24 -19.18 38.28 -4.26
CA PHE B 24 -18.03 38.01 -5.12
C PHE B 24 -17.55 39.29 -5.79
N PHE B 25 -18.50 40.15 -6.19
CA PHE B 25 -18.20 41.44 -6.80
C PHE B 25 -18.51 42.54 -5.80
N SER B 26 -17.69 42.61 -4.74
CA SER B 26 -17.81 43.56 -3.65
C SER B 26 -17.60 45.00 -4.10
N ASP B 27 -16.65 45.21 -5.03
CA ASP B 27 -16.30 46.53 -5.58
C ASP B 27 -17.40 47.08 -6.50
N CYS B 28 -18.35 46.23 -6.92
CA CYS B 28 -19.42 46.57 -7.84
C CYS B 28 -20.81 46.55 -7.19
N LYS B 29 -21.60 47.58 -7.51
CA LYS B 29 -23.00 47.68 -7.08
C LYS B 29 -23.85 47.35 -8.30
N ILE B 30 -24.20 46.06 -8.45
CA ILE B 30 -24.98 45.51 -9.55
C ILE B 30 -26.33 46.24 -9.67
N GLN B 31 -26.75 46.54 -10.93
CA GLN B 31 -28.01 47.22 -11.24
C GLN B 31 -29.22 46.40 -10.80
N ASN B 32 -30.24 47.09 -10.21
CA ASN B 32 -31.51 46.57 -9.68
C ASN B 32 -31.29 45.49 -8.58
N GLY B 33 -30.17 45.59 -7.87
CA GLY B 33 -29.80 44.69 -6.79
C GLY B 33 -29.49 43.28 -7.24
N ALA B 34 -30.07 42.28 -6.53
CA ALA B 34 -29.90 40.85 -6.78
C ALA B 34 -30.57 40.40 -8.07
N GLN B 35 -31.52 41.20 -8.59
CA GLN B 35 -32.25 40.96 -9.83
C GLN B 35 -31.27 40.91 -11.01
N GLY B 36 -30.32 41.84 -11.02
CA GLY B 36 -29.27 41.97 -12.03
C GLY B 36 -28.46 40.72 -12.32
N ILE B 37 -28.15 39.92 -11.26
CA ILE B 37 -27.41 38.67 -11.38
C ILE B 37 -28.37 37.56 -11.87
N ARG B 38 -28.31 37.22 -13.18
CA ARG B 38 -29.17 36.21 -13.83
C ARG B 38 -28.38 34.98 -14.25
N PHE B 39 -28.73 33.79 -13.73
CA PHE B 39 -28.04 32.55 -14.05
C PHE B 39 -28.62 31.89 -15.31
N ILE B 40 -27.81 31.01 -15.96
CA ILE B 40 -28.19 30.21 -17.13
C ILE B 40 -28.55 28.81 -16.63
N TYR B 41 -29.68 28.22 -17.08
CA TYR B 41 -30.18 26.94 -16.55
C TYR B 41 -30.18 25.76 -17.55
N THR B 42 -29.96 24.55 -17.01
CA THR B 42 -29.90 23.27 -17.73
C THR B 42 -31.28 22.64 -17.85
N ARG B 43 -31.42 21.68 -18.80
CA ARG B 43 -32.63 20.93 -19.13
C ARG B 43 -33.24 20.18 -17.93
N GLU B 44 -32.38 19.65 -17.04
CA GLU B 44 -32.77 18.93 -15.83
C GLU B 44 -33.51 19.83 -14.83
N GLY B 45 -33.08 21.09 -14.76
CA GLY B 45 -33.67 22.10 -13.88
C GLY B 45 -32.65 22.87 -13.08
N ARG B 46 -31.49 22.25 -12.82
CA ARG B 46 -30.36 22.81 -12.06
C ARG B 46 -29.65 23.91 -12.89
N PRO B 47 -28.97 24.90 -12.24
CA PRO B 47 -28.25 25.93 -13.02
C PRO B 47 -26.98 25.40 -13.69
N SER B 48 -26.62 25.97 -14.85
CA SER B 48 -25.45 25.60 -15.64
C SER B 48 -24.11 25.96 -14.97
N GLY B 49 -24.09 26.97 -14.11
CA GLY B 49 -22.89 27.44 -13.44
C GLY B 49 -22.27 28.65 -14.12
N GLU B 50 -23.06 29.27 -15.02
CA GLU B 50 -22.73 30.47 -15.80
C GLU B 50 -23.84 31.50 -15.62
N ALA B 51 -23.47 32.81 -15.54
CA ALA B 51 -24.44 33.90 -15.34
C ALA B 51 -24.13 35.18 -16.15
N PHE B 52 -25.08 36.14 -16.11
CA PHE B 52 -24.98 37.48 -16.72
C PHE B 52 -25.22 38.55 -15.64
N VAL B 53 -24.13 39.05 -15.04
CA VAL B 53 -24.13 40.06 -13.98
C VAL B 53 -24.24 41.43 -14.63
N GLU B 54 -25.35 42.14 -14.37
CA GLU B 54 -25.65 43.45 -14.94
C GLU B 54 -25.05 44.59 -14.08
N LEU B 55 -23.82 45.00 -14.43
CA LEU B 55 -23.09 46.09 -13.77
C LEU B 55 -23.77 47.45 -14.07
N GLU B 56 -23.63 48.41 -13.13
CA GLU B 56 -24.27 49.73 -13.18
C GLU B 56 -23.48 50.78 -13.97
N SER B 57 -22.14 50.79 -13.85
CA SER B 57 -21.29 51.78 -14.53
C SER B 57 -20.38 51.16 -15.58
N GLU B 58 -19.83 51.99 -16.49
CA GLU B 58 -18.93 51.58 -17.56
C GLU B 58 -17.58 51.12 -16.99
N ASP B 59 -17.03 51.90 -16.02
CA ASP B 59 -15.78 51.60 -15.33
C ASP B 59 -15.95 50.38 -14.40
N GLU B 60 -17.19 50.19 -13.91
CA GLU B 60 -17.58 49.07 -13.03
C GLU B 60 -17.38 47.73 -13.71
N VAL B 61 -17.54 47.69 -15.05
CA VAL B 61 -17.33 46.50 -15.88
C VAL B 61 -15.86 46.10 -15.81
N LYS B 62 -14.94 47.10 -15.90
CA LYS B 62 -13.50 46.93 -15.82
C LYS B 62 -13.08 46.48 -14.42
N LEU B 63 -13.74 47.03 -13.38
CA LEU B 63 -13.49 46.67 -11.98
C LEU B 63 -13.98 45.24 -11.69
N ALA B 64 -15.04 44.80 -12.40
CA ALA B 64 -15.63 43.47 -12.26
C ALA B 64 -14.74 42.37 -12.87
N LEU B 65 -14.25 42.60 -14.11
CA LEU B 65 -13.42 41.69 -14.89
C LEU B 65 -12.07 41.41 -14.22
N LYS B 66 -11.62 42.29 -13.28
CA LYS B 66 -10.35 42.20 -12.55
C LYS B 66 -10.19 40.88 -11.73
N LYS B 67 -11.29 40.16 -11.46
CA LYS B 67 -11.28 38.90 -10.73
C LYS B 67 -11.48 37.68 -11.68
N ASP B 68 -10.83 37.72 -12.86
CA ASP B 68 -10.92 36.73 -13.93
C ASP B 68 -10.32 35.35 -13.58
N ARG B 69 -9.76 35.19 -12.37
CA ARG B 69 -9.18 33.91 -11.95
C ARG B 69 -9.21 33.77 -10.42
N GLU B 70 -10.18 34.45 -9.77
CA GLU B 70 -10.37 34.38 -8.33
C GLU B 70 -11.13 33.11 -7.94
N THR B 71 -10.73 32.51 -6.81
CA THR B 71 -11.29 31.29 -6.27
C THR B 71 -12.59 31.54 -5.49
N GLY B 73 -14.59 30.12 -3.50
CA GLY B 73 -14.49 28.95 -2.63
C GLY B 73 -13.25 28.21 -3.06
N HIS B 74 -13.43 26.99 -3.59
CA HIS B 74 -12.30 26.19 -4.08
C HIS B 74 -12.31 26.14 -5.61
N ARG B 75 -13.42 26.56 -6.24
CA ARG B 75 -13.60 26.59 -7.69
C ARG B 75 -13.35 28.01 -8.23
N TYR B 76 -12.60 28.10 -9.34
CA TYR B 76 -12.30 29.38 -9.98
C TYR B 76 -13.46 29.88 -10.85
N VAL B 77 -13.57 31.19 -11.02
CA VAL B 77 -14.59 31.83 -11.84
C VAL B 77 -13.93 32.71 -12.88
N GLU B 78 -14.48 32.74 -14.09
CA GLU B 78 -13.93 33.55 -15.18
C GLU B 78 -14.96 34.58 -15.61
N VAL B 79 -14.51 35.83 -15.84
CA VAL B 79 -15.35 36.98 -16.21
C VAL B 79 -15.04 37.39 -17.67
N PHE B 80 -16.10 37.73 -18.44
CA PHE B 80 -15.96 38.09 -19.85
C PHE B 80 -16.83 39.29 -20.18
N LYS B 81 -16.39 40.10 -21.15
CA LYS B 81 -17.13 41.30 -21.60
C LYS B 81 -18.34 40.87 -22.42
N SER B 82 -19.55 41.27 -22.00
CA SER B 82 -20.81 40.91 -22.66
C SER B 82 -21.66 42.12 -23.03
N ASN B 83 -22.68 41.90 -23.88
CA ASN B 83 -23.63 42.92 -24.34
C ASN B 83 -25.07 42.56 -23.93
N ASN B 84 -26.00 43.55 -24.05
CA ASN B 84 -27.43 43.42 -23.75
C ASN B 84 -28.09 42.35 -24.63
N VAL B 85 -27.77 42.34 -25.95
CA VAL B 85 -28.31 41.38 -26.90
C VAL B 85 -27.82 39.97 -26.58
N GLU B 86 -26.55 39.82 -26.13
CA GLU B 86 -25.94 38.53 -25.75
C GLU B 86 -26.65 37.94 -24.53
N ASP B 88 -29.91 38.74 -23.59
CA ASP B 88 -31.26 38.47 -24.09
C ASP B 88 -31.31 37.08 -24.77
N TRP B 89 -30.22 36.70 -25.47
CA TRP B 89 -30.11 35.39 -26.07
C TRP B 89 -29.69 34.39 -24.98
N VAL B 90 -30.69 33.72 -24.39
CA VAL B 90 -30.52 32.75 -23.30
C VAL B 90 -31.27 31.41 -23.61
N LEU B 91 -30.68 30.29 -23.12
CA LEU B 91 -31.20 28.94 -23.27
C LEU B 91 -31.48 28.36 -21.89
N LYS B 92 -32.78 28.28 -21.55
CA LYS B 92 -33.30 27.77 -20.27
C LYS B 92 -33.50 26.24 -20.31
N HIS B 93 -34.23 25.69 -19.31
CA HIS B 93 -34.56 24.28 -19.17
C HIS B 93 -35.39 23.79 -20.37
N THR B 94 -36.10 24.73 -21.02
CA THR B 94 -36.93 24.55 -22.21
C THR B 94 -36.11 24.88 -23.46
N GLY B 95 -35.66 23.84 -24.15
CA GLY B 95 -34.86 23.95 -25.36
C GLY B 95 -35.68 24.12 -26.62
N PRO B 96 -35.12 24.72 -27.70
CA PRO B 96 -35.91 24.87 -28.93
C PRO B 96 -35.98 23.57 -29.74
N ASP B 104 -30.70 18.20 -32.10
CA ASP B 104 -29.36 18.15 -31.51
C ASP B 104 -29.26 17.05 -30.45
N GLY B 105 -28.40 16.06 -30.73
CA GLY B 105 -28.16 14.92 -29.85
C GLY B 105 -26.89 15.06 -29.03
N PHE B 106 -26.81 16.15 -28.24
CA PHE B 106 -25.65 16.50 -27.40
C PHE B 106 -25.95 16.36 -25.93
N VAL B 107 -24.94 15.89 -25.16
CA VAL B 107 -25.03 15.69 -23.71
C VAL B 107 -23.79 16.32 -23.06
N ARG B 108 -23.99 17.44 -22.34
CA ARG B 108 -22.91 18.14 -21.65
C ARG B 108 -22.60 17.43 -20.33
N LEU B 109 -21.53 16.61 -20.32
CA LEU B 109 -21.09 15.90 -19.13
C LEU B 109 -20.36 16.87 -18.21
N ARG B 110 -20.37 16.59 -16.90
CA ARG B 110 -19.74 17.42 -15.90
C ARG B 110 -19.24 16.57 -14.74
N GLY B 111 -18.18 17.07 -14.09
CA GLY B 111 -17.56 16.43 -12.95
C GLY B 111 -16.74 15.20 -13.28
N LEU B 112 -16.27 15.09 -14.54
CA LEU B 112 -15.44 13.99 -15.01
C LEU B 112 -14.07 14.05 -14.35
N PRO B 113 -13.41 12.91 -14.05
CA PRO B 113 -12.08 12.98 -13.41
C PRO B 113 -11.00 13.50 -14.36
N PHE B 114 -9.80 13.82 -13.82
CA PHE B 114 -8.66 14.31 -14.61
C PHE B 114 -8.36 13.38 -15.80
N GLY B 115 -8.67 12.09 -15.62
CA GLY B 115 -8.57 11.05 -16.63
C GLY B 115 -9.75 11.16 -17.58
N CYS B 116 -9.65 12.12 -18.49
CA CYS B 116 -10.66 12.49 -19.47
C CYS B 116 -10.32 11.88 -20.84
N SER B 117 -9.95 10.59 -20.84
CA SER B 117 -9.62 9.85 -22.04
C SER B 117 -10.88 9.49 -22.82
N LYS B 118 -10.98 9.97 -24.08
CA LYS B 118 -12.11 9.74 -24.99
C LYS B 118 -12.59 8.27 -24.93
N GLU B 119 -11.64 7.31 -24.73
CA GLU B 119 -11.85 5.87 -24.62
C GLU B 119 -12.74 5.53 -23.42
N GLU B 120 -12.46 6.13 -22.24
CA GLU B 120 -13.24 5.95 -21.01
C GLU B 120 -14.67 6.47 -21.17
N ILE B 121 -14.82 7.66 -21.81
CA ILE B 121 -16.12 8.31 -22.05
C ILE B 121 -16.92 7.47 -23.07
N VAL B 122 -16.25 6.86 -24.05
CA VAL B 122 -16.89 5.99 -25.04
C VAL B 122 -17.32 4.68 -24.35
N GLN B 123 -16.46 4.15 -23.46
CA GLN B 123 -16.69 2.92 -22.69
C GLN B 123 -17.78 3.13 -21.63
N PHE B 124 -17.96 4.38 -21.14
CA PHE B 124 -19.00 4.73 -20.16
C PHE B 124 -20.37 4.54 -20.80
N PHE B 125 -20.56 5.14 -22.00
CA PHE B 125 -21.77 5.01 -22.82
C PHE B 125 -21.57 3.85 -23.79
N SER B 126 -21.54 2.64 -23.23
CA SER B 126 -21.29 1.37 -23.90
C SER B 126 -22.26 1.10 -25.05
N GLY B 127 -23.56 1.12 -24.77
CA GLY B 127 -24.58 0.83 -25.78
C GLY B 127 -25.14 2.02 -26.54
N LEU B 128 -24.36 3.11 -26.63
CA LEU B 128 -24.80 4.32 -27.34
C LEU B 128 -23.76 4.79 -28.36
N GLU B 129 -24.16 4.92 -29.65
CA GLU B 129 -23.32 5.39 -30.76
C GLU B 129 -22.95 6.84 -30.51
N ILE B 130 -21.71 7.06 -30.07
CA ILE B 130 -21.15 8.34 -29.66
C ILE B 130 -20.60 9.21 -30.82
N VAL B 131 -20.98 8.90 -32.09
CA VAL B 131 -20.64 9.60 -33.34
C VAL B 131 -19.10 9.71 -33.60
N PRO B 132 -18.64 9.92 -34.88
CA PRO B 132 -17.18 10.05 -35.11
C PRO B 132 -16.58 11.31 -34.46
N ASN B 133 -15.62 11.10 -33.51
CA ASN B 133 -14.88 12.11 -32.73
C ASN B 133 -15.85 13.05 -31.95
N GLY B 134 -16.98 12.47 -31.53
CA GLY B 134 -18.05 13.17 -30.81
C GLY B 134 -17.70 13.68 -29.45
N ILE B 135 -16.77 12.99 -28.74
CA ILE B 135 -16.32 13.34 -27.40
C ILE B 135 -15.42 14.58 -27.51
N THR B 136 -16.01 15.73 -27.18
CA THR B 136 -15.38 17.05 -27.21
C THR B 136 -14.95 17.41 -25.78
N LEU B 137 -13.63 17.52 -25.58
CA LEU B 137 -13.06 17.85 -24.28
C LEU B 137 -12.46 19.27 -24.32
N PRO B 138 -13.16 20.28 -23.75
CA PRO B 138 -12.66 21.66 -23.82
C PRO B 138 -11.34 21.91 -23.07
N VAL B 139 -10.49 22.79 -23.65
CA VAL B 139 -9.21 23.17 -23.09
C VAL B 139 -9.39 24.24 -22.02
N ASP B 140 -8.58 24.16 -20.95
CA ASP B 140 -8.56 25.10 -19.84
C ASP B 140 -7.88 26.38 -20.29
N PHE B 141 -8.18 27.52 -19.63
CA PHE B 141 -7.59 28.83 -19.93
C PHE B 141 -6.06 28.83 -19.75
N GLN B 142 -5.56 27.97 -18.84
CA GLN B 142 -4.16 27.78 -18.49
C GLN B 142 -3.44 26.86 -19.49
N GLY B 143 -4.18 25.91 -20.04
CA GLY B 143 -3.66 24.93 -20.99
C GLY B 143 -3.67 23.55 -20.37
N ARG B 144 -4.85 23.14 -19.88
CA ARG B 144 -5.11 21.85 -19.21
C ARG B 144 -6.46 21.27 -19.69
N SER B 145 -6.93 20.19 -19.04
CA SER B 145 -8.19 19.54 -19.37
C SER B 145 -9.27 19.94 -18.36
N THR B 146 -10.21 20.82 -18.78
CA THR B 146 -11.32 21.29 -17.94
C THR B 146 -12.21 20.10 -17.56
N GLY B 147 -12.61 20.05 -16.29
CA GLY B 147 -13.42 18.98 -15.71
C GLY B 147 -14.58 18.47 -16.53
N GLU B 148 -15.37 19.40 -17.11
CA GLU B 148 -16.53 19.10 -17.94
C GLU B 148 -16.12 18.76 -19.39
N ALA B 149 -17.02 18.11 -20.17
CA ALA B 149 -16.83 17.72 -21.57
C ALA B 149 -18.16 17.43 -22.29
N PHE B 150 -18.26 17.82 -23.57
CA PHE B 150 -19.45 17.54 -24.38
C PHE B 150 -19.28 16.20 -25.11
N VAL B 151 -20.40 15.51 -25.39
CA VAL B 151 -20.43 14.25 -26.13
C VAL B 151 -21.59 14.27 -27.12
N GLN B 152 -21.29 13.99 -28.41
CA GLN B 152 -22.28 13.93 -29.49
C GLN B 152 -22.79 12.50 -29.62
N PHE B 153 -24.06 12.34 -30.02
CA PHE B 153 -24.69 11.04 -30.19
C PHE B 153 -25.39 10.99 -31.57
N ALA B 154 -25.81 9.79 -32.00
CA ALA B 154 -26.43 9.56 -33.31
C ALA B 154 -27.77 10.28 -33.46
N SER B 155 -28.71 10.02 -32.55
CA SER B 155 -30.04 10.63 -32.57
C SER B 155 -30.42 11.17 -31.20
N GLN B 156 -31.52 11.95 -31.12
CA GLN B 156 -32.02 12.50 -29.86
C GLN B 156 -32.53 11.36 -28.97
N GLU B 157 -33.07 10.28 -29.60
CA GLU B 157 -33.57 9.08 -28.92
C GLU B 157 -32.40 8.36 -28.24
N ILE B 158 -31.29 8.19 -28.98
CA ILE B 158 -30.05 7.56 -28.50
C ILE B 158 -29.41 8.45 -27.42
N ALA B 159 -29.51 9.79 -27.57
CA ALA B 159 -28.98 10.76 -26.63
C ALA B 159 -29.77 10.78 -25.30
N GLU B 160 -31.11 10.63 -25.38
CA GLU B 160 -32.00 10.62 -24.22
C GLU B 160 -31.73 9.39 -23.34
N LYS B 161 -31.37 8.25 -23.96
CA LYS B 161 -31.04 7.00 -23.29
C LYS B 161 -29.74 7.12 -22.49
N ALA B 162 -28.83 8.00 -22.94
CA ALA B 162 -27.52 8.24 -22.30
C ALA B 162 -27.69 8.89 -20.93
N LEU B 163 -28.74 9.71 -20.76
CA LEU B 163 -29.04 10.43 -19.53
C LEU B 163 -29.48 9.49 -18.39
N LYS B 164 -29.73 8.19 -18.69
CA LYS B 164 -30.13 7.16 -17.72
C LYS B 164 -29.02 6.89 -16.68
N LYS B 165 -27.76 7.19 -17.02
CA LYS B 165 -26.60 7.04 -16.14
C LYS B 165 -26.36 8.36 -15.39
N HIS B 166 -27.32 8.71 -14.51
CA HIS B 166 -27.31 9.92 -13.70
C HIS B 166 -26.38 9.80 -12.48
N LYS B 167 -26.15 8.56 -11.99
CA LYS B 167 -25.34 8.31 -10.79
C LYS B 167 -24.21 7.27 -11.00
N GLU B 168 -23.93 6.88 -12.25
CA GLU B 168 -22.86 5.92 -12.55
C GLU B 168 -21.48 6.59 -12.37
N ARG B 169 -20.47 5.78 -12.03
CA ARG B 169 -19.10 6.24 -11.80
C ARG B 169 -18.22 5.99 -13.01
N ILE B 170 -17.21 6.86 -13.22
CA ILE B 170 -16.21 6.75 -14.29
C ILE B 170 -14.84 6.61 -13.63
N GLY B 171 -14.53 5.37 -13.26
CA GLY B 171 -13.29 5.02 -12.58
C GLY B 171 -13.48 5.10 -11.07
N HIS B 172 -13.24 6.29 -10.51
CA HIS B 172 -13.38 6.55 -9.07
C HIS B 172 -14.14 7.85 -8.82
N ARG B 173 -14.88 8.32 -9.85
CA ARG B 173 -15.61 9.58 -9.82
C ARG B 173 -17.07 9.44 -10.34
N TYR B 174 -18.06 9.82 -9.49
CA TYR B 174 -19.49 9.83 -9.83
C TYR B 174 -19.76 11.03 -10.73
N ILE B 175 -19.98 10.78 -12.04
CA ILE B 175 -20.20 11.85 -13.00
C ILE B 175 -21.69 12.24 -13.07
N GLU B 176 -21.97 13.44 -13.59
CA GLU B 176 -23.30 13.98 -13.75
C GLU B 176 -23.49 14.45 -15.19
N ILE B 177 -24.51 13.93 -15.86
CA ILE B 177 -24.81 14.26 -17.26
C ILE B 177 -26.07 15.13 -17.36
N PHE B 178 -26.07 16.04 -18.34
CA PHE B 178 -27.16 16.96 -18.66
C PHE B 178 -27.28 17.08 -20.16
N LYS B 179 -28.50 17.28 -20.69
CA LYS B 179 -28.71 17.46 -22.13
C LYS B 179 -28.08 18.79 -22.60
N SER B 180 -27.85 18.94 -23.92
CA SER B 180 -27.22 20.13 -24.51
C SER B 180 -27.61 20.33 -25.97
N SER B 181 -27.21 21.48 -26.55
CA SER B 181 -27.46 21.85 -27.94
C SER B 181 -26.16 21.89 -28.75
N ARG B 182 -26.28 21.90 -30.09
CA ARG B 182 -25.15 21.95 -31.02
C ARG B 182 -24.41 23.27 -30.92
N ALA B 183 -25.17 24.37 -30.86
CA ALA B 183 -24.65 25.73 -30.76
C ALA B 183 -24.19 26.05 -29.33
N GLU B 184 -24.63 25.24 -28.33
CA GLU B 184 -24.31 25.39 -26.91
C GLU B 184 -22.83 25.10 -26.60
N VAL B 185 -22.08 24.50 -27.54
CA VAL B 185 -20.64 24.25 -27.40
C VAL B 185 -19.90 25.59 -27.59
N ARG B 186 -19.95 26.43 -26.55
CA ARG B 186 -19.44 27.81 -26.49
C ARG B 186 -17.96 27.91 -26.20
N THR B 187 -17.45 27.23 -25.14
CA THR B 187 -16.04 27.30 -24.75
C THR B 187 -15.15 26.63 -25.83
N HIS B 188 -15.52 25.41 -26.31
CA HIS B 188 -14.82 24.67 -27.35
C HIS B 188 -15.78 23.77 -28.14
N VAL C 6 32.36 -39.26 18.91
CA VAL C 6 30.96 -38.86 18.72
C VAL C 6 30.79 -37.34 18.80
N VAL C 7 30.18 -36.74 17.76
CA VAL C 7 29.88 -35.32 17.68
C VAL C 7 28.37 -35.14 17.59
N LYS C 8 27.81 -34.26 18.45
CA LYS C 8 26.38 -33.96 18.51
C LYS C 8 26.05 -32.74 17.64
N VAL C 9 25.21 -32.95 16.62
CA VAL C 9 24.76 -31.92 15.68
C VAL C 9 23.31 -31.52 15.98
N ARG C 10 22.95 -30.27 15.64
CA ARG C 10 21.61 -29.71 15.84
C ARG C 10 21.24 -28.73 14.70
N GLY C 11 19.95 -28.60 14.43
CA GLY C 11 19.44 -27.67 13.42
C GLY C 11 19.31 -28.20 12.01
N LEU C 12 19.30 -29.53 11.84
CA LEU C 12 19.14 -30.20 10.54
C LEU C 12 17.65 -30.13 10.09
N PRO C 13 17.31 -30.22 8.78
CA PRO C 13 15.90 -30.12 8.38
C PRO C 13 15.12 -31.41 8.63
N TRP C 14 13.81 -31.42 8.26
CA TRP C 14 12.91 -32.56 8.39
C TRP C 14 13.37 -33.70 7.48
N SER C 15 13.21 -33.53 6.15
CA SER C 15 13.66 -34.52 5.17
C SER C 15 15.18 -34.38 4.98
N CYS C 16 15.94 -35.16 5.78
CA CYS C 16 17.39 -35.15 5.74
C CYS C 16 17.93 -36.56 5.80
N SER C 17 18.32 -37.10 4.62
CA SER C 17 18.91 -38.43 4.48
C SER C 17 20.32 -38.41 5.00
N ALA C 18 20.82 -39.57 5.47
CA ALA C 18 22.18 -39.73 5.99
C ALA C 18 23.24 -39.19 5.02
N ASP C 19 23.00 -39.32 3.68
CA ASP C 19 23.91 -38.83 2.62
C ASP C 19 23.93 -37.30 2.58
N GLU C 20 22.80 -36.63 2.92
CA GLU C 20 22.72 -35.17 2.94
C GLU C 20 23.62 -34.60 4.04
N VAL C 21 23.68 -35.27 5.20
CA VAL C 21 24.52 -34.88 6.33
C VAL C 21 25.96 -35.42 6.13
N GLN C 22 26.11 -36.58 5.42
CA GLN C 22 27.43 -37.13 5.09
C GLN C 22 28.18 -36.16 4.19
N ARG C 23 27.45 -35.60 3.19
CA ARG C 23 27.95 -34.60 2.25
C ARG C 23 28.25 -33.29 2.99
N PHE C 24 27.51 -33.00 4.10
CA PHE C 24 27.77 -31.82 4.92
C PHE C 24 29.12 -31.97 5.60
N PHE C 25 29.41 -33.19 6.09
CA PHE C 25 30.68 -33.48 6.73
C PHE C 25 31.61 -34.14 5.71
N SER C 26 32.02 -33.34 4.71
CA SER C 26 32.91 -33.78 3.65
C SER C 26 34.36 -33.79 4.12
N ASP C 27 34.71 -32.87 5.05
CA ASP C 27 36.05 -32.72 5.61
C ASP C 27 36.42 -33.85 6.61
N CYS C 28 35.57 -34.91 6.70
CA CYS C 28 35.76 -36.07 7.58
C CYS C 28 34.96 -37.30 7.11
N LYS C 29 35.50 -38.51 7.40
CA LYS C 29 34.88 -39.79 7.07
C LYS C 29 34.01 -40.27 8.24
N ILE C 30 32.76 -40.66 7.95
CA ILE C 30 31.82 -41.13 8.95
C ILE C 30 32.05 -42.61 9.21
N GLN C 31 32.27 -42.97 10.50
CA GLN C 31 32.50 -44.35 10.95
C GLN C 31 31.21 -45.15 10.77
N ASN C 32 31.32 -46.38 10.20
CA ASN C 32 30.23 -47.33 9.88
C ASN C 32 29.32 -46.78 8.74
N GLY C 33 29.87 -45.86 7.94
CA GLY C 33 29.20 -45.24 6.80
C GLY C 33 27.96 -44.46 7.16
N ALA C 34 26.81 -44.87 6.61
CA ALA C 34 25.51 -44.25 6.84
C ALA C 34 25.00 -44.52 8.24
N GLN C 35 25.44 -45.63 8.87
CA GLN C 35 25.08 -46.05 10.23
C GLN C 35 25.62 -45.06 11.28
N GLY C 36 26.70 -44.35 10.93
CA GLY C 36 27.34 -43.34 11.77
C GLY C 36 26.48 -42.12 12.05
N ILE C 37 25.74 -41.65 11.03
CA ILE C 37 24.82 -40.53 11.14
C ILE C 37 23.54 -41.02 11.80
N ARG C 38 23.48 -40.95 13.14
CA ARG C 38 22.34 -41.39 13.95
C ARG C 38 21.42 -40.21 14.26
N PHE C 39 20.14 -40.30 13.83
CA PHE C 39 19.15 -39.23 14.03
C PHE C 39 18.27 -39.42 15.27
N ILE C 40 17.75 -38.31 15.81
CA ILE C 40 16.82 -38.26 16.93
C ILE C 40 15.42 -38.01 16.38
N TYR C 41 14.42 -38.81 16.80
CA TYR C 41 13.05 -38.68 16.28
C TYR C 41 12.02 -38.35 17.36
N THR C 42 10.91 -37.70 16.94
CA THR C 42 9.78 -37.33 17.77
C THR C 42 8.96 -38.58 18.14
N ARG C 43 8.06 -38.45 19.13
CA ARG C 43 7.17 -39.52 19.59
C ARG C 43 6.15 -39.90 18.51
N GLU C 44 5.80 -38.92 17.63
CA GLU C 44 4.87 -39.11 16.51
C GLU C 44 5.51 -39.90 15.37
N GLY C 45 6.84 -39.89 15.29
CA GLY C 45 7.60 -40.62 14.29
C GLY C 45 8.44 -39.74 13.38
N ARG C 46 8.13 -38.43 13.36
CA ARG C 46 8.81 -37.40 12.56
C ARG C 46 10.26 -37.19 13.06
N PRO C 47 11.17 -36.60 12.26
CA PRO C 47 12.54 -36.36 12.77
C PRO C 47 12.60 -35.10 13.66
N SER C 48 13.49 -35.10 14.67
CA SER C 48 13.66 -33.98 15.61
C SER C 48 14.33 -32.76 14.97
N GLY C 49 15.50 -33.00 14.37
CA GLY C 49 16.33 -31.97 13.74
C GLY C 49 17.74 -32.00 14.29
N GLU C 50 18.02 -32.97 15.18
CA GLU C 50 19.32 -33.17 15.82
C GLU C 50 19.84 -34.59 15.54
N ALA C 51 21.17 -34.77 15.64
CA ALA C 51 21.83 -36.05 15.39
C ALA C 51 23.10 -36.31 16.24
N PHE C 52 23.71 -37.50 16.05
CA PHE C 52 24.96 -37.96 16.68
C PHE C 52 25.83 -38.64 15.63
N VAL C 53 26.65 -37.84 14.92
CA VAL C 53 27.54 -38.36 13.88
C VAL C 53 28.76 -38.99 14.55
N GLU C 54 29.07 -40.23 14.18
CA GLU C 54 30.18 -40.96 14.77
C GLU C 54 31.44 -40.83 13.90
N LEU C 55 32.42 -40.04 14.37
CA LEU C 55 33.70 -39.84 13.71
C LEU C 55 34.68 -40.95 14.09
N GLU C 56 35.44 -41.47 13.10
CA GLU C 56 36.40 -42.56 13.28
C GLU C 56 37.63 -42.16 14.13
N SER C 57 38.26 -41.00 13.83
CA SER C 57 39.45 -40.53 14.55
C SER C 57 39.13 -39.37 15.52
N GLU C 58 40.05 -39.12 16.48
CA GLU C 58 39.93 -38.07 17.49
C GLU C 58 40.08 -36.69 16.86
N ASP C 59 41.11 -36.51 16.00
CA ASP C 59 41.39 -35.25 15.29
C ASP C 59 40.35 -34.99 14.19
N GLU C 60 39.66 -36.06 13.74
CA GLU C 60 38.61 -36.04 12.73
C GLU C 60 37.38 -35.27 13.24
N VAL C 61 37.16 -35.30 14.57
CA VAL C 61 36.07 -34.61 15.25
C VAL C 61 36.26 -33.10 15.19
N LYS C 62 37.54 -32.64 15.24
CA LYS C 62 37.93 -31.23 15.17
C LYS C 62 37.57 -30.62 13.80
N LEU C 63 37.58 -31.45 12.75
CA LEU C 63 37.21 -31.05 11.39
C LEU C 63 35.70 -30.81 11.30
N ALA C 64 34.91 -31.67 11.97
CA ALA C 64 33.44 -31.56 12.03
C ALA C 64 33.01 -30.41 12.93
N LEU C 65 33.69 -30.26 14.10
CA LEU C 65 33.45 -29.20 15.08
C LEU C 65 33.77 -27.82 14.49
N LYS C 66 34.68 -27.79 13.49
CA LYS C 66 35.10 -26.59 12.77
C LYS C 66 33.90 -25.95 12.08
N LYS C 67 33.04 -26.78 11.45
CA LYS C 67 31.81 -26.34 10.81
C LYS C 67 30.74 -26.17 11.91
N ASP C 68 30.85 -25.07 12.71
CA ASP C 68 29.98 -24.80 13.85
C ASP C 68 28.68 -24.07 13.50
N ARG C 69 28.68 -23.27 12.43
CA ARG C 69 27.48 -22.53 12.01
C ARG C 69 27.40 -22.44 10.49
N GLU C 70 27.71 -23.56 9.81
CA GLU C 70 27.69 -23.65 8.36
C GLU C 70 26.24 -23.69 7.84
N THR C 71 25.96 -22.90 6.79
CA THR C 71 24.66 -22.74 6.15
C THR C 71 24.25 -23.96 5.30
N GLY C 73 22.01 -25.25 3.32
CA GLY C 73 20.89 -24.73 2.54
C GLY C 73 20.53 -23.35 3.06
N HIS C 74 19.45 -23.29 3.89
CA HIS C 74 19.00 -22.03 4.51
C HIS C 74 19.14 -22.10 6.05
N ARG C 75 18.65 -23.19 6.67
CA ARG C 75 18.76 -23.44 8.10
C ARG C 75 20.18 -23.89 8.42
N TYR C 76 20.88 -23.19 9.32
CA TYR C 76 22.25 -23.54 9.68
C TYR C 76 22.31 -24.78 10.59
N VAL C 77 23.50 -25.35 10.77
CA VAL C 77 23.75 -26.50 11.63
C VAL C 77 24.65 -26.08 12.78
N GLU C 78 24.58 -26.78 13.92
CA GLU C 78 25.38 -26.47 15.10
C GLU C 78 25.99 -27.74 15.68
N VAL C 79 27.33 -27.82 15.65
CA VAL C 79 28.12 -28.97 16.09
C VAL C 79 28.71 -28.70 17.48
N PHE C 80 28.64 -29.72 18.35
CA PHE C 80 29.12 -29.70 19.73
C PHE C 80 29.78 -31.02 20.06
N LYS C 81 30.77 -30.98 20.99
CA LYS C 81 31.48 -32.17 21.45
C LYS C 81 30.53 -33.10 22.17
N SER C 82 30.69 -34.41 21.97
CA SER C 82 29.84 -35.40 22.60
C SER C 82 30.63 -36.67 22.97
N ASN C 83 30.03 -37.49 23.84
CA ASN C 83 30.57 -38.76 24.29
C ASN C 83 29.59 -39.87 23.92
N ASN C 84 30.08 -41.14 23.87
CA ASN C 84 29.25 -42.31 23.56
C ASN C 84 28.07 -42.45 24.55
N VAL C 85 28.29 -41.99 25.80
CA VAL C 85 27.31 -41.98 26.88
C VAL C 85 26.12 -41.10 26.50
N GLU C 86 26.36 -39.88 25.96
CA GLU C 86 25.32 -38.93 25.53
C GLU C 86 24.48 -39.53 24.39
N ASP C 88 23.92 -42.72 23.96
CA ASP C 88 23.14 -43.82 24.54
C ASP C 88 21.71 -43.39 24.91
N TRP C 89 21.50 -42.10 25.28
CA TRP C 89 20.18 -41.59 25.61
C TRP C 89 19.25 -41.71 24.39
N VAL C 90 18.46 -42.81 24.38
CA VAL C 90 17.50 -43.16 23.34
C VAL C 90 16.08 -43.12 23.99
N LEU C 91 15.61 -41.90 24.26
CA LEU C 91 14.32 -41.67 24.92
C LEU C 91 13.34 -40.91 24.05
N LYS C 92 13.84 -40.26 22.98
CA LYS C 92 13.01 -39.45 22.09
C LYS C 92 12.05 -40.31 21.24
N HIS C 93 12.54 -41.42 20.65
CA HIS C 93 11.72 -42.31 19.81
C HIS C 93 10.80 -43.19 20.65
N THR C 94 11.33 -43.76 21.75
CA THR C 94 10.61 -44.65 22.67
C THR C 94 10.66 -44.08 24.10
N GLY C 95 9.76 -43.13 24.38
CA GLY C 95 9.66 -42.48 25.69
C GLY C 95 8.70 -43.17 26.62
N PRO C 96 9.18 -43.82 27.71
CA PRO C 96 8.25 -44.51 28.63
C PRO C 96 7.52 -43.53 29.54
N ASP C 104 5.28 -34.99 33.44
CA ASP C 104 5.80 -33.73 32.90
C ASP C 104 5.03 -33.32 31.65
N GLY C 105 4.31 -32.21 31.75
CA GLY C 105 3.49 -31.65 30.68
C GLY C 105 4.20 -30.60 29.84
N PHE C 106 5.38 -30.96 29.31
CA PHE C 106 6.23 -30.08 28.51
C PHE C 106 5.95 -30.25 27.00
N VAL C 107 5.97 -29.13 26.26
CA VAL C 107 5.69 -29.08 24.81
C VAL C 107 6.68 -28.13 24.12
N ARG C 108 7.54 -28.67 23.23
CA ARG C 108 8.49 -27.86 22.45
C ARG C 108 7.79 -27.38 21.17
N LEU C 109 7.90 -26.08 20.89
CA LEU C 109 7.31 -25.46 19.71
C LEU C 109 8.42 -25.11 18.70
N ARG C 110 8.07 -24.98 17.40
CA ARG C 110 9.01 -24.65 16.34
C ARG C 110 8.33 -23.89 15.20
N GLY C 111 9.02 -22.87 14.68
CA GLY C 111 8.55 -22.08 13.57
C GLY C 111 7.80 -20.81 13.93
N LEU C 112 8.11 -20.22 15.10
CA LEU C 112 7.52 -18.96 15.58
C LEU C 112 8.05 -17.80 14.70
N PRO C 113 7.17 -16.90 14.20
CA PRO C 113 7.63 -15.86 13.26
C PRO C 113 8.47 -14.73 13.89
N PHE C 114 9.76 -15.02 14.15
CA PHE C 114 10.82 -14.16 14.66
C PHE C 114 10.51 -13.48 16.02
N GLY C 115 9.53 -12.57 16.07
CA GLY C 115 9.12 -11.85 17.29
C GLY C 115 8.40 -12.74 18.28
N CYS C 116 9.18 -13.60 18.95
CA CYS C 116 8.72 -14.60 19.92
C CYS C 116 8.26 -13.92 21.21
N SER C 117 7.03 -13.36 21.17
CA SER C 117 6.37 -12.69 22.30
C SER C 117 5.57 -13.71 23.10
N LYS C 118 5.99 -13.95 24.37
CA LYS C 118 5.38 -14.91 25.29
C LYS C 118 3.85 -14.71 25.34
N GLU C 119 3.42 -13.46 25.10
CA GLU C 119 2.01 -13.02 25.05
C GLU C 119 1.27 -13.74 23.92
N GLU C 120 1.83 -13.75 22.69
CA GLU C 120 1.26 -14.40 21.50
C GLU C 120 1.15 -15.93 21.66
N ILE C 121 2.13 -16.55 22.35
CA ILE C 121 2.18 -18.00 22.61
C ILE C 121 1.14 -18.34 23.70
N VAL C 122 0.94 -17.43 24.64
CA VAL C 122 -0.05 -17.62 25.70
C VAL C 122 -1.45 -17.40 25.09
N GLN C 123 -1.58 -16.55 24.05
CA GLN C 123 -2.83 -16.30 23.33
C GLN C 123 -3.12 -17.49 22.40
N PHE C 124 -2.04 -18.09 21.83
CA PHE C 124 -2.07 -19.28 20.95
C PHE C 124 -2.80 -20.43 21.64
N PHE C 125 -2.25 -20.92 22.77
CA PHE C 125 -2.88 -21.96 23.59
C PHE C 125 -3.92 -21.26 24.47
N SER C 126 -5.18 -21.26 24.04
CA SER C 126 -6.28 -20.56 24.72
C SER C 126 -6.54 -21.13 26.13
N GLY C 127 -7.47 -22.06 26.26
CA GLY C 127 -7.82 -22.66 27.54
C GLY C 127 -6.85 -23.74 27.99
N LEU C 128 -5.57 -23.38 28.14
CA LEU C 128 -4.54 -24.32 28.59
C LEU C 128 -3.81 -23.74 29.82
N GLU C 129 -3.70 -24.53 30.91
CA GLU C 129 -3.01 -24.15 32.15
C GLU C 129 -1.54 -23.89 31.82
N ILE C 130 -1.21 -22.61 31.60
CA ILE C 130 0.09 -22.09 31.18
C ILE C 130 1.22 -22.41 32.13
N VAL C 131 0.94 -22.46 33.47
CA VAL C 131 1.90 -22.67 34.56
C VAL C 131 2.76 -21.37 34.75
N PRO C 132 3.26 -21.06 35.99
CA PRO C 132 4.01 -19.80 36.19
C PRO C 132 5.20 -19.61 35.24
N ASN C 133 5.12 -18.54 34.39
CA ASN C 133 6.12 -18.14 33.37
C ASN C 133 6.48 -19.34 32.47
N GLY C 134 5.45 -20.11 32.12
CA GLY C 134 5.50 -21.35 31.34
C GLY C 134 6.30 -21.34 30.06
N ILE C 135 6.21 -20.23 29.31
CA ILE C 135 6.95 -20.03 28.06
C ILE C 135 8.43 -19.89 28.43
N THR C 136 9.28 -20.73 27.82
CA THR C 136 10.72 -20.73 28.05
C THR C 136 11.39 -20.73 26.68
N LEU C 137 11.51 -19.53 26.09
CA LEU C 137 12.13 -19.37 24.77
C LEU C 137 13.68 -19.23 24.90
N PRO C 138 14.48 -20.17 24.34
CA PRO C 138 15.94 -20.07 24.48
C PRO C 138 16.55 -19.11 23.45
N VAL C 139 17.72 -18.56 23.78
CA VAL C 139 18.41 -17.58 22.94
C VAL C 139 19.45 -18.24 22.05
N ASP C 140 19.79 -17.56 20.94
CA ASP C 140 20.78 -17.92 19.94
C ASP C 140 22.19 -17.87 20.50
N PHE C 141 23.15 -18.45 19.76
CA PHE C 141 24.58 -18.39 20.09
C PHE C 141 25.06 -16.95 19.88
N GLN C 142 24.45 -16.27 18.88
CA GLN C 142 24.69 -14.87 18.51
C GLN C 142 24.11 -13.90 19.56
N GLY C 143 23.01 -14.33 20.18
CA GLY C 143 22.33 -13.55 21.20
C GLY C 143 21.15 -12.80 20.64
N ARG C 144 20.05 -13.56 20.40
CA ARG C 144 18.71 -13.15 19.90
C ARG C 144 17.77 -14.37 19.90
N SER C 145 16.57 -14.26 19.29
CA SER C 145 15.58 -15.34 19.23
C SER C 145 16.09 -16.55 18.43
N THR C 146 15.81 -17.76 18.93
CA THR C 146 16.20 -19.04 18.33
C THR C 146 15.16 -19.51 17.31
N GLY C 147 13.89 -19.16 17.53
CA GLY C 147 12.78 -19.54 16.67
C GLY C 147 11.92 -20.63 17.26
N GLU C 148 12.46 -21.37 18.24
CA GLU C 148 11.78 -22.44 18.98
C GLU C 148 11.48 -21.96 20.42
N ALA C 149 10.55 -22.64 21.14
CA ALA C 149 10.19 -22.31 22.53
C ALA C 149 9.62 -23.50 23.29
N PHE C 150 9.98 -23.62 24.57
CA PHE C 150 9.46 -24.67 25.47
C PHE C 150 8.32 -24.10 26.32
N VAL C 151 7.05 -24.26 25.85
CA VAL C 151 5.84 -23.78 26.55
C VAL C 151 5.23 -24.91 27.39
N GLN C 152 5.85 -25.17 28.57
CA GLN C 152 5.45 -26.21 29.53
C GLN C 152 4.18 -25.84 30.29
N PHE C 153 3.19 -26.74 30.28
CA PHE C 153 1.89 -26.58 30.94
C PHE C 153 1.92 -27.18 32.36
N ALA C 154 0.89 -26.86 33.17
CA ALA C 154 0.79 -27.34 34.54
C ALA C 154 0.37 -28.80 34.58
N SER C 155 -0.82 -29.13 34.01
CA SER C 155 -1.36 -30.50 33.95
C SER C 155 -0.76 -31.28 32.77
N GLN C 156 -0.38 -32.55 33.00
CA GLN C 156 0.21 -33.40 31.96
C GLN C 156 -0.84 -33.75 30.90
N GLU C 157 -2.13 -33.85 31.31
CA GLU C 157 -3.25 -34.13 30.41
C GLU C 157 -3.54 -32.89 29.55
N ILE C 158 -3.33 -31.68 30.10
CA ILE C 158 -3.52 -30.39 29.43
C ILE C 158 -2.53 -30.29 28.28
N ALA C 159 -1.32 -30.86 28.47
CA ALA C 159 -0.26 -30.92 27.47
C ALA C 159 -0.65 -31.83 26.33
N GLU C 160 -1.29 -32.99 26.64
CA GLU C 160 -1.74 -33.98 25.65
C GLU C 160 -2.78 -33.35 24.70
N LYS C 161 -3.69 -32.51 25.24
CA LYS C 161 -4.72 -31.79 24.47
C LYS C 161 -4.07 -30.69 23.61
N ALA C 162 -3.01 -30.05 24.15
CA ALA C 162 -2.27 -28.98 23.49
C ALA C 162 -1.59 -29.47 22.22
N LEU C 163 -1.09 -30.72 22.25
CA LEU C 163 -0.39 -31.40 21.16
C LEU C 163 -1.25 -31.51 19.90
N LYS C 164 -2.57 -31.80 20.06
CA LYS C 164 -3.56 -31.90 18.98
C LYS C 164 -3.59 -30.61 18.13
N LYS C 165 -3.46 -29.43 18.79
CA LYS C 165 -3.40 -28.13 18.12
C LYS C 165 -1.96 -27.92 17.61
N HIS C 166 -1.63 -28.51 16.45
CA HIS C 166 -0.29 -28.43 15.85
C HIS C 166 -0.30 -27.99 14.37
N LYS C 167 -1.50 -27.72 13.80
CA LYS C 167 -1.66 -27.31 12.41
C LYS C 167 -1.91 -25.80 12.26
N GLU C 168 -2.37 -25.13 13.35
CA GLU C 168 -2.65 -23.70 13.40
C GLU C 168 -1.38 -22.84 13.34
N ARG C 169 -1.56 -21.52 13.14
CA ARG C 169 -0.49 -20.53 13.04
C ARG C 169 -0.40 -19.63 14.28
N ILE C 170 0.80 -19.10 14.57
CA ILE C 170 1.02 -18.15 15.65
C ILE C 170 1.43 -16.85 14.97
N GLY C 171 0.55 -16.39 14.09
CA GLY C 171 0.71 -15.21 13.27
C GLY C 171 0.40 -15.60 11.84
N HIS C 172 1.38 -15.43 10.95
CA HIS C 172 1.21 -15.81 9.54
C HIS C 172 1.83 -17.17 9.24
N ARG C 173 2.91 -17.53 9.96
CA ARG C 173 3.62 -18.79 9.78
C ARG C 173 2.97 -19.91 10.60
N TYR C 174 2.78 -21.11 9.97
CA TYR C 174 2.22 -22.30 10.62
C TYR C 174 3.31 -22.91 11.50
N ILE C 175 2.94 -23.24 12.74
CA ILE C 175 3.90 -23.75 13.71
C ILE C 175 3.68 -25.26 13.96
N GLU C 176 4.66 -25.92 14.62
CA GLU C 176 4.61 -27.34 14.95
C GLU C 176 4.82 -27.57 16.44
N ILE C 177 3.93 -28.37 17.05
CA ILE C 177 3.98 -28.69 18.48
C ILE C 177 4.50 -30.11 18.69
N PHE C 178 5.46 -30.25 19.62
CA PHE C 178 6.14 -31.49 20.00
C PHE C 178 5.84 -31.83 21.44
N LYS C 179 6.25 -33.02 21.91
CA LYS C 179 6.07 -33.43 23.30
C LYS C 179 7.43 -33.56 23.97
N SER C 180 8.01 -32.41 24.37
CA SER C 180 9.32 -32.33 25.03
C SER C 180 9.29 -32.86 26.48
N SER C 181 10.48 -33.00 27.07
CA SER C 181 10.65 -33.47 28.45
C SER C 181 11.03 -32.28 29.34
N ARG C 182 11.03 -32.48 30.67
CA ARG C 182 11.40 -31.45 31.64
C ARG C 182 12.89 -31.14 31.53
N ALA C 183 13.71 -32.20 31.34
CA ALA C 183 15.16 -32.13 31.17
C ALA C 183 15.55 -31.36 29.91
N GLU C 184 14.73 -31.47 28.85
CA GLU C 184 14.91 -30.77 27.58
C GLU C 184 14.55 -29.29 27.75
N VAL C 185 15.56 -28.40 27.61
CA VAL C 185 15.43 -26.94 27.76
C VAL C 185 16.64 -26.23 27.15
N VAL D 6 16.30 2.81 1.13
CA VAL D 6 16.33 1.68 0.21
C VAL D 6 17.47 0.71 0.58
N VAL D 7 17.11 -0.52 1.03
CA VAL D 7 18.01 -1.60 1.45
C VAL D 7 17.47 -2.97 0.95
N LYS D 8 18.23 -3.66 0.06
CA LYS D 8 17.87 -4.98 -0.45
C LYS D 8 18.22 -6.06 0.58
N VAL D 9 17.17 -6.69 1.14
CA VAL D 9 17.28 -7.74 2.15
C VAL D 9 17.09 -9.10 1.47
N ARG D 10 17.82 -10.12 1.97
CA ARG D 10 17.75 -11.48 1.44
C ARG D 10 17.94 -12.52 2.56
N GLY D 11 17.60 -13.78 2.26
CA GLY D 11 17.74 -14.91 3.17
C GLY D 11 16.63 -15.12 4.18
N LEU D 12 15.61 -14.24 4.17
CA LEU D 12 14.44 -14.27 5.04
C LEU D 12 13.55 -15.50 4.75
N PRO D 13 12.70 -16.01 5.69
CA PRO D 13 11.86 -17.17 5.34
C PRO D 13 10.74 -16.78 4.39
N TRP D 14 10.25 -17.73 3.56
CA TRP D 14 9.16 -17.47 2.62
C TRP D 14 7.91 -17.02 3.37
N SER D 15 7.60 -17.70 4.50
CA SER D 15 6.48 -17.35 5.39
C SER D 15 6.91 -16.15 6.25
N CYS D 16 6.83 -14.95 5.68
CA CYS D 16 7.29 -13.73 6.35
C CYS D 16 6.39 -12.53 6.02
N SER D 17 5.66 -12.03 7.04
CA SER D 17 4.82 -10.83 6.93
C SER D 17 5.65 -9.63 7.35
N ALA D 18 5.44 -8.48 6.68
CA ALA D 18 6.19 -7.24 6.87
C ALA D 18 6.44 -6.87 8.35
N ASP D 19 5.53 -7.27 9.27
CA ASP D 19 5.63 -6.97 10.70
C ASP D 19 6.94 -7.50 11.32
N GLU D 20 7.35 -8.75 11.01
CA GLU D 20 8.60 -9.27 11.59
C GLU D 20 9.84 -8.62 10.94
N VAL D 21 9.70 -8.09 9.71
CA VAL D 21 10.79 -7.40 9.00
C VAL D 21 11.01 -6.04 9.68
N GLN D 22 9.88 -5.41 10.11
CA GLN D 22 9.87 -4.14 10.83
C GLN D 22 10.40 -4.36 12.25
N ARG D 23 10.21 -5.58 12.80
CA ARG D 23 10.69 -5.98 14.12
C ARG D 23 12.21 -6.26 14.05
N PHE D 24 12.67 -6.89 12.94
CA PHE D 24 14.08 -7.20 12.67
C PHE D 24 14.91 -5.91 12.66
N PHE D 25 14.42 -4.88 11.95
CA PHE D 25 15.07 -3.57 11.88
C PHE D 25 14.42 -2.58 12.85
N SER D 26 14.32 -2.99 14.13
CA SER D 26 13.73 -2.20 15.21
C SER D 26 14.46 -0.88 15.43
N ASP D 27 15.80 -0.89 15.29
CA ASP D 27 16.69 0.26 15.49
C ASP D 27 16.67 1.26 14.32
N CYS D 28 15.61 1.26 13.48
CA CYS D 28 15.51 2.13 12.32
C CYS D 28 14.09 2.68 12.10
N LYS D 29 14.01 3.78 11.32
CA LYS D 29 12.77 4.43 10.94
C LYS D 29 12.32 3.94 9.55
N ILE D 30 11.52 2.87 9.53
CA ILE D 30 10.99 2.26 8.30
C ILE D 30 9.85 3.13 7.79
N GLN D 31 10.11 3.92 6.72
CA GLN D 31 9.18 4.83 6.06
C GLN D 31 7.91 4.10 5.65
N ASN D 32 6.74 4.68 6.03
CA ASN D 32 5.38 4.18 5.78
C ASN D 32 5.16 2.77 6.39
N GLY D 33 5.82 2.52 7.53
CA GLY D 33 5.75 1.27 8.29
C GLY D 33 5.78 0.00 7.45
N ALA D 34 4.80 -0.88 7.67
CA ALA D 34 4.64 -2.16 6.97
C ALA D 34 4.24 -1.97 5.48
N GLN D 35 3.73 -0.79 5.09
CA GLN D 35 3.37 -0.49 3.70
C GLN D 35 4.64 -0.26 2.86
N GLY D 36 5.61 0.43 3.46
CA GLY D 36 6.91 0.76 2.89
C GLY D 36 7.84 -0.39 2.62
N ILE D 37 7.74 -1.48 3.41
CA ILE D 37 8.54 -2.70 3.25
C ILE D 37 7.98 -3.46 2.02
N ARG D 38 8.64 -3.28 0.87
CA ARG D 38 8.26 -3.93 -0.38
C ARG D 38 8.74 -5.37 -0.42
N PHE D 39 7.90 -6.27 -0.92
CA PHE D 39 8.19 -7.69 -1.01
C PHE D 39 8.29 -8.14 -2.46
N ILE D 40 9.47 -8.65 -2.87
CA ILE D 40 9.70 -9.14 -4.22
C ILE D 40 9.10 -10.55 -4.36
N TYR D 41 7.86 -10.61 -4.88
CA TYR D 41 7.12 -11.85 -5.07
C TYR D 41 7.44 -12.52 -6.42
N THR D 42 7.18 -13.83 -6.52
CA THR D 42 7.36 -14.68 -7.69
C THR D 42 6.37 -14.34 -8.80
N ARG D 43 6.63 -14.81 -10.03
CA ARG D 43 5.78 -14.60 -11.21
C ARG D 43 4.38 -15.18 -10.98
N GLU D 44 4.30 -16.34 -10.29
CA GLU D 44 3.06 -17.02 -9.94
C GLU D 44 2.26 -16.22 -8.90
N GLY D 45 2.94 -15.68 -7.89
CA GLY D 45 2.33 -14.87 -6.85
C GLY D 45 2.99 -14.94 -5.49
N ARG D 46 3.41 -16.16 -5.09
CA ARG D 46 4.06 -16.51 -3.82
C ARG D 46 5.31 -15.63 -3.49
N PRO D 47 5.79 -15.54 -2.21
CA PRO D 47 6.98 -14.71 -1.94
C PRO D 47 8.29 -15.39 -2.41
N SER D 48 9.47 -14.77 -2.16
CA SER D 48 10.74 -15.34 -2.63
C SER D 48 11.83 -15.43 -1.55
N GLY D 49 12.03 -14.33 -0.82
CA GLY D 49 13.05 -14.18 0.22
C GLY D 49 13.73 -12.84 0.06
N GLU D 50 13.72 -12.32 -1.20
CA GLU D 50 14.25 -11.01 -1.58
C GLU D 50 13.19 -9.96 -1.30
N ALA D 51 13.60 -8.80 -0.74
CA ALA D 51 12.73 -7.70 -0.34
C ALA D 51 13.48 -6.36 -0.20
N PHE D 52 12.72 -5.26 -0.15
CA PHE D 52 13.24 -3.90 -0.01
C PHE D 52 12.70 -3.24 1.24
N VAL D 53 13.60 -2.88 2.17
CA VAL D 53 13.24 -2.19 3.39
C VAL D 53 13.47 -0.70 3.13
N GLU D 54 12.40 0.01 2.69
CA GLU D 54 12.45 1.44 2.38
C GLU D 54 12.57 2.26 3.66
N LEU D 55 13.75 2.85 3.90
CA LEU D 55 14.02 3.64 5.09
C LEU D 55 13.58 5.10 4.92
N GLU D 56 13.38 5.81 6.05
CA GLU D 56 12.98 7.22 6.09
C GLU D 56 14.20 8.14 6.23
N SER D 57 15.05 7.89 7.24
CA SER D 57 16.26 8.67 7.52
C SER D 57 17.45 8.11 6.75
N GLU D 58 18.40 9.00 6.38
CA GLU D 58 19.61 8.63 5.63
C GLU D 58 20.62 7.93 6.55
N ASP D 59 20.82 8.47 7.78
CA ASP D 59 21.74 7.93 8.79
C ASP D 59 21.25 6.58 9.32
N GLU D 60 19.92 6.35 9.28
CA GLU D 60 19.26 5.13 9.70
C GLU D 60 19.68 3.96 8.81
N VAL D 61 19.92 4.22 7.51
CA VAL D 61 20.35 3.22 6.52
C VAL D 61 21.62 2.49 7.00
N LYS D 62 22.58 3.25 7.58
CA LYS D 62 23.82 2.73 8.13
C LYS D 62 23.52 1.75 9.27
N LEU D 63 22.57 2.11 10.17
CA LEU D 63 22.13 1.29 11.30
C LEU D 63 21.42 0.01 10.81
N ALA D 64 20.75 0.08 9.64
CA ALA D 64 20.03 -1.04 9.04
C ALA D 64 21.02 -2.08 8.49
N LEU D 65 22.06 -1.62 7.76
CA LEU D 65 23.10 -2.46 7.17
C LEU D 65 23.93 -3.18 8.25
N LYS D 66 23.96 -2.64 9.49
CA LYS D 66 24.70 -3.17 10.65
C LYS D 66 24.35 -4.63 10.98
N LYS D 67 23.10 -5.04 10.72
CA LYS D 67 22.63 -6.41 10.94
C LYS D 67 22.75 -7.23 9.64
N ASP D 68 23.98 -7.35 9.11
CA ASP D 68 24.28 -8.06 7.86
C ASP D 68 24.31 -9.59 8.05
N ARG D 69 24.79 -10.06 9.22
CA ARG D 69 24.89 -11.50 9.52
C ARG D 69 23.96 -11.91 10.68
N GLU D 70 22.93 -11.08 10.95
CA GLU D 70 21.97 -11.34 12.01
C GLU D 70 21.04 -12.49 11.61
N THR D 71 20.66 -13.29 12.61
CA THR D 71 19.78 -14.44 12.44
C THR D 71 18.32 -14.00 12.53
N GLY D 73 15.59 -16.56 13.41
CA GLY D 73 15.24 -17.90 13.83
C GLY D 73 16.43 -18.76 13.55
N HIS D 74 16.53 -19.28 12.32
CA HIS D 74 17.67 -20.07 11.88
C HIS D 74 18.27 -19.43 10.64
N ARG D 75 17.44 -19.22 9.58
CA ARG D 75 17.80 -18.60 8.30
C ARG D 75 18.68 -17.36 8.49
N TYR D 76 19.90 -17.38 7.92
CA TYR D 76 20.85 -16.29 7.99
C TYR D 76 20.35 -15.15 7.11
N VAL D 77 19.99 -14.01 7.72
CA VAL D 77 19.48 -12.87 7.00
C VAL D 77 20.64 -12.04 6.47
N GLU D 78 20.57 -11.67 5.18
CA GLU D 78 21.58 -10.88 4.47
C GLU D 78 21.05 -9.47 4.17
N VAL D 79 21.85 -8.45 4.53
CA VAL D 79 21.55 -7.04 4.32
C VAL D 79 22.57 -6.41 3.37
N PHE D 80 22.08 -5.71 2.32
CA PHE D 80 22.87 -5.01 1.29
C PHE D 80 22.17 -3.71 0.87
N LYS D 81 22.94 -2.61 0.71
CA LYS D 81 22.44 -1.28 0.34
C LYS D 81 21.80 -1.28 -1.07
N SER D 82 20.90 -0.31 -1.32
CA SER D 82 20.18 -0.16 -2.59
C SER D 82 19.77 1.31 -2.83
N ASN D 83 19.23 1.60 -4.03
CA ASN D 83 18.78 2.93 -4.46
C ASN D 83 17.33 2.89 -4.96
N ASN D 84 16.72 4.08 -5.17
CA ASN D 84 15.36 4.23 -5.69
C ASN D 84 15.27 3.73 -7.14
N VAL D 85 16.39 3.85 -7.89
CA VAL D 85 16.51 3.38 -9.26
C VAL D 85 16.55 1.84 -9.28
N GLU D 86 17.33 1.25 -8.34
CA GLU D 86 17.47 -0.21 -8.18
C GLU D 86 16.17 -0.83 -7.65
N ASP D 88 13.01 0.54 -8.09
CA ASP D 88 12.03 0.70 -9.17
C ASP D 88 12.09 -0.48 -10.16
N TRP D 89 13.30 -0.97 -10.49
CA TRP D 89 13.49 -2.10 -11.39
C TRP D 89 13.18 -3.41 -10.65
N VAL D 90 11.92 -3.85 -10.75
CA VAL D 90 11.38 -5.07 -10.16
C VAL D 90 10.22 -5.61 -11.01
N LEU D 91 9.93 -6.93 -10.89
CA LEU D 91 8.84 -7.61 -11.59
C LEU D 91 8.23 -8.70 -10.70
N LYS D 92 6.89 -8.78 -10.65
CA LYS D 92 6.15 -9.76 -9.85
C LYS D 92 4.80 -10.09 -10.48
N HIS D 93 3.91 -9.09 -10.65
CA HIS D 93 2.57 -9.24 -11.22
C HIS D 93 2.08 -7.94 -11.86
N ASN D 103 8.51 -15.62 -24.39
CA ASN D 103 8.01 -16.85 -23.80
C ASN D 103 9.18 -17.57 -23.08
N ASP D 104 9.67 -16.96 -21.95
CA ASP D 104 10.76 -17.51 -21.10
C ASP D 104 10.24 -18.64 -20.25
N GLY D 105 10.98 -19.74 -20.23
CA GLY D 105 10.61 -20.94 -19.49
C GLY D 105 11.38 -21.12 -18.19
N PHE D 106 11.57 -20.02 -17.45
CA PHE D 106 12.28 -20.03 -16.17
C PHE D 106 11.41 -20.64 -15.08
N VAL D 107 12.00 -21.53 -14.26
CA VAL D 107 11.32 -22.24 -13.18
C VAL D 107 12.13 -22.16 -11.87
N ARG D 108 11.53 -21.58 -10.81
CA ARG D 108 12.11 -21.50 -9.47
C ARG D 108 11.96 -22.84 -8.74
N LEU D 109 13.08 -23.32 -8.17
CA LEU D 109 13.13 -24.58 -7.43
C LEU D 109 13.53 -24.32 -5.98
N ARG D 110 12.91 -25.05 -5.06
CA ARG D 110 13.19 -24.89 -3.64
C ARG D 110 13.07 -26.22 -2.92
N GLY D 111 13.78 -26.31 -1.78
CA GLY D 111 13.82 -27.48 -0.93
C GLY D 111 14.67 -28.57 -1.52
N LEU D 112 15.87 -28.19 -2.03
CA LEU D 112 16.83 -29.12 -2.64
C LEU D 112 17.81 -29.56 -1.56
N PRO D 113 18.19 -30.87 -1.52
CA PRO D 113 19.12 -31.32 -0.47
C PRO D 113 20.49 -30.62 -0.54
N PHE D 114 21.30 -30.77 0.52
CA PHE D 114 22.61 -30.14 0.64
C PHE D 114 23.55 -30.48 -0.54
N GLY D 115 23.78 -31.78 -0.76
CA GLY D 115 24.65 -32.29 -1.81
C GLY D 115 24.06 -32.33 -3.21
N CYS D 116 23.02 -31.49 -3.47
CA CYS D 116 22.39 -31.44 -4.78
C CYS D 116 23.31 -30.76 -5.78
N SER D 117 23.73 -31.55 -6.79
CA SER D 117 24.62 -31.20 -7.89
C SER D 117 23.85 -30.78 -9.12
N LYS D 118 24.43 -29.83 -9.93
CA LYS D 118 23.85 -29.31 -11.18
C LYS D 118 23.44 -30.44 -12.12
N GLU D 119 24.12 -31.60 -11.98
CA GLU D 119 23.89 -32.83 -12.73
C GLU D 119 22.59 -33.49 -12.26
N GLU D 120 22.48 -33.73 -10.92
CA GLU D 120 21.32 -34.35 -10.26
C GLU D 120 20.01 -33.62 -10.62
N ILE D 121 20.03 -32.27 -10.58
CA ILE D 121 18.90 -31.39 -10.94
C ILE D 121 18.59 -31.49 -12.45
N VAL D 122 19.63 -31.59 -13.32
CA VAL D 122 19.49 -31.71 -14.77
C VAL D 122 18.85 -33.07 -15.12
N GLN D 123 19.28 -34.13 -14.43
CA GLN D 123 18.82 -35.51 -14.59
C GLN D 123 17.38 -35.70 -14.10
N PHE D 124 16.97 -34.91 -13.08
CA PHE D 124 15.62 -34.91 -12.48
C PHE D 124 14.53 -34.74 -13.55
N PHE D 125 14.76 -33.81 -14.52
CA PHE D 125 13.84 -33.54 -15.63
C PHE D 125 14.33 -34.32 -16.86
N SER D 126 13.72 -35.47 -17.15
CA SER D 126 14.11 -36.33 -18.27
C SER D 126 13.57 -35.78 -19.60
N GLY D 127 12.25 -35.80 -19.77
CA GLY D 127 11.55 -35.34 -20.98
C GLY D 127 11.80 -33.89 -21.33
N LEU D 128 11.92 -33.05 -20.29
CA LEU D 128 12.20 -31.61 -20.44
C LEU D 128 13.69 -31.38 -20.68
N GLU D 129 14.01 -30.29 -21.40
CA GLU D 129 15.38 -29.93 -21.75
C GLU D 129 15.74 -28.50 -21.33
N ILE D 130 16.67 -28.38 -20.38
CA ILE D 130 17.19 -27.09 -19.91
C ILE D 130 18.12 -26.53 -20.97
N VAL D 131 18.06 -25.20 -21.21
CA VAL D 131 18.92 -24.50 -22.18
C VAL D 131 20.40 -24.54 -21.69
N PRO D 132 21.43 -24.48 -22.59
CA PRO D 132 22.83 -24.56 -22.11
C PRO D 132 23.12 -23.69 -20.89
N ASN D 133 23.73 -24.31 -19.83
CA ASN D 133 24.11 -23.73 -18.55
C ASN D 133 22.90 -23.05 -17.85
N GLY D 134 21.74 -23.71 -17.98
CA GLY D 134 20.46 -23.25 -17.44
C GLY D 134 20.38 -23.31 -15.93
N ILE D 135 20.70 -24.50 -15.37
CA ILE D 135 20.73 -24.80 -13.93
C ILE D 135 21.64 -23.78 -13.23
N THR D 136 21.02 -22.75 -12.64
CA THR D 136 21.71 -21.66 -11.97
C THR D 136 21.41 -21.74 -10.48
N LEU D 137 22.29 -22.43 -9.74
CA LEU D 137 22.16 -22.59 -8.28
C LEU D 137 22.93 -21.45 -7.55
N PRO D 138 22.25 -20.57 -6.78
CA PRO D 138 23.00 -19.48 -6.11
C PRO D 138 23.59 -19.93 -4.77
N VAL D 139 24.51 -19.09 -4.24
CA VAL D 139 25.21 -19.34 -2.97
C VAL D 139 25.02 -18.18 -1.99
N ASP D 140 25.10 -18.49 -0.68
CA ASP D 140 24.98 -17.55 0.43
C ASP D 140 26.29 -16.80 0.62
N PHE D 141 26.32 -15.84 1.57
CA PHE D 141 27.49 -15.03 1.94
C PHE D 141 28.63 -15.94 2.46
N GLN D 142 28.26 -17.11 3.01
CA GLN D 142 29.17 -18.12 3.54
C GLN D 142 29.83 -18.90 2.39
N GLY D 143 29.14 -19.01 1.26
CA GLY D 143 29.63 -19.70 0.07
C GLY D 143 28.86 -20.94 -0.29
N ARG D 144 28.12 -21.51 0.69
CA ARG D 144 27.28 -22.69 0.52
C ARG D 144 26.00 -22.34 -0.25
N SER D 145 25.44 -23.28 -1.03
CA SER D 145 24.20 -23.08 -1.81
C SER D 145 23.01 -22.74 -0.88
N THR D 146 22.09 -21.90 -1.36
CA THR D 146 20.93 -21.46 -0.59
C THR D 146 19.86 -22.57 -0.50
N GLY D 147 19.90 -23.52 -1.43
CA GLY D 147 18.94 -24.61 -1.50
C GLY D 147 17.92 -24.35 -2.58
N GLU D 148 17.98 -23.13 -3.18
CA GLU D 148 17.12 -22.68 -4.26
C GLU D 148 17.87 -22.80 -5.60
N ALA D 149 17.17 -22.62 -6.74
CA ALA D 149 17.75 -22.72 -8.10
C ALA D 149 16.97 -21.87 -9.12
N PHE D 150 17.48 -21.78 -10.35
CA PHE D 150 16.86 -21.02 -11.44
C PHE D 150 17.10 -21.72 -12.77
N VAL D 151 16.46 -22.89 -12.99
CA VAL D 151 16.61 -23.61 -14.26
C VAL D 151 15.86 -22.83 -15.37
N GLN D 152 16.52 -22.66 -16.53
CA GLN D 152 15.99 -21.96 -17.69
C GLN D 152 15.73 -22.97 -18.78
N PHE D 153 14.46 -23.30 -19.03
CA PHE D 153 14.11 -24.28 -20.06
C PHE D 153 14.06 -23.61 -21.43
N ALA D 154 14.23 -24.44 -22.49
CA ALA D 154 14.26 -24.06 -23.90
C ALA D 154 12.99 -23.32 -24.36
N SER D 155 11.82 -23.68 -23.80
CA SER D 155 10.55 -23.07 -24.15
C SER D 155 9.63 -22.93 -22.94
N GLN D 156 8.61 -22.04 -23.04
CA GLN D 156 7.62 -21.84 -21.99
C GLN D 156 6.70 -23.06 -21.92
N GLU D 157 6.32 -23.61 -23.09
CA GLU D 157 5.48 -24.81 -23.22
C GLU D 157 6.20 -26.02 -22.59
N ILE D 158 7.54 -26.06 -22.74
CA ILE D 158 8.40 -27.10 -22.17
C ILE D 158 8.42 -26.96 -20.64
N ALA D 159 8.53 -25.71 -20.14
CA ALA D 159 8.55 -25.39 -18.71
C ALA D 159 7.22 -25.71 -18.04
N GLU D 160 6.10 -25.43 -18.75
CA GLU D 160 4.74 -25.69 -18.28
C GLU D 160 4.54 -27.19 -18.03
N LYS D 161 5.17 -28.03 -18.87
CA LYS D 161 5.15 -29.50 -18.74
C LYS D 161 6.03 -29.93 -17.56
N ALA D 162 7.12 -29.18 -17.31
CA ALA D 162 8.07 -29.44 -16.21
C ALA D 162 7.46 -29.09 -14.86
N LEU D 163 6.52 -28.12 -14.85
CA LEU D 163 5.80 -27.66 -13.67
C LEU D 163 4.85 -28.75 -13.13
N LYS D 164 4.50 -29.76 -13.99
CA LYS D 164 3.63 -30.90 -13.65
C LYS D 164 4.17 -31.65 -12.43
N LYS D 165 5.49 -31.87 -12.37
CA LYS D 165 6.16 -32.46 -11.21
C LYS D 165 6.35 -31.36 -10.14
N HIS D 166 5.24 -30.95 -9.51
CA HIS D 166 5.17 -29.86 -8.53
C HIS D 166 5.64 -30.29 -7.13
N LYS D 167 5.51 -31.59 -6.79
CA LYS D 167 5.91 -32.12 -5.49
C LYS D 167 6.56 -33.53 -5.64
N GLU D 168 7.45 -33.66 -6.64
CA GLU D 168 8.20 -34.89 -6.93
C GLU D 168 9.45 -34.95 -6.03
N ARG D 169 9.91 -36.17 -5.71
CA ARG D 169 11.06 -36.41 -4.84
C ARG D 169 12.38 -36.57 -5.61
N ILE D 170 13.46 -35.99 -5.04
CA ILE D 170 14.83 -36.05 -5.54
C ILE D 170 15.74 -36.48 -4.37
N GLY D 171 15.87 -37.79 -4.21
CA GLY D 171 16.70 -38.42 -3.19
C GLY D 171 16.02 -38.50 -1.84
N HIS D 172 15.88 -37.35 -1.18
CA HIS D 172 15.26 -37.25 0.14
C HIS D 172 14.18 -36.19 0.16
N ARG D 173 14.54 -34.94 -0.19
CA ARG D 173 13.63 -33.80 -0.17
C ARG D 173 12.72 -33.74 -1.42
N TYR D 174 11.49 -33.23 -1.23
CA TYR D 174 10.49 -33.02 -2.28
C TYR D 174 10.64 -31.60 -2.82
N ILE D 175 11.03 -31.47 -4.08
CA ILE D 175 11.25 -30.19 -4.74
C ILE D 175 9.92 -29.46 -5.03
N GLU D 176 9.95 -28.11 -5.02
CA GLU D 176 8.80 -27.25 -5.31
C GLU D 176 9.01 -26.57 -6.67
N ILE D 177 8.16 -26.94 -7.65
CA ILE D 177 8.23 -26.41 -9.02
C ILE D 177 7.24 -25.26 -9.19
N PHE D 178 7.76 -24.04 -9.41
CA PHE D 178 7.00 -22.82 -9.61
C PHE D 178 7.64 -22.00 -10.73
N LYS D 179 6.84 -21.28 -11.52
CA LYS D 179 7.34 -20.45 -12.62
C LYS D 179 8.23 -19.30 -12.10
N SER D 180 9.09 -18.77 -12.99
CA SER D 180 10.03 -17.68 -12.70
C SER D 180 10.19 -16.78 -13.95
N SER D 181 11.06 -15.76 -13.87
CA SER D 181 11.35 -14.81 -14.94
C SER D 181 12.81 -14.36 -14.90
N ARG D 182 13.33 -13.89 -16.05
CA ARG D 182 14.69 -13.40 -16.26
C ARG D 182 15.03 -12.22 -15.32
N ALA D 183 14.00 -11.47 -14.88
CA ALA D 183 14.15 -10.34 -13.96
C ALA D 183 14.46 -10.83 -12.55
N GLU D 184 13.89 -12.00 -12.17
CA GLU D 184 14.09 -12.63 -10.86
C GLU D 184 15.53 -13.13 -10.73
N VAL D 185 16.02 -13.85 -11.76
CA VAL D 185 17.37 -14.40 -11.81
C VAL D 185 18.44 -13.28 -11.81
N ARG D 186 18.17 -12.17 -12.52
CA ARG D 186 19.08 -11.03 -12.61
C ARG D 186 19.19 -10.22 -11.29
N THR D 187 18.32 -10.49 -10.29
CA THR D 187 18.32 -9.77 -9.02
C THR D 187 18.56 -10.71 -7.81
N HIS D 188 18.34 -12.04 -7.98
CA HIS D 188 18.51 -13.02 -6.90
C HIS D 188 19.99 -13.21 -6.54
#